data_6WGW
#
_entry.id   6WGW
#
_cell.length_a   152.426
_cell.length_b   152.426
_cell.length_c   196.400
_cell.angle_alpha   90.000
_cell.angle_beta   90.000
_cell.angle_gamma   120.000
#
_symmetry.space_group_name_H-M   'P 64 2 2'
#
loop_
_entity.id
_entity.type
_entity.pdbx_description
1 polymer 'Cytochrome P450 101D1'
2 non-polymer 'PROTOPORPHYRIN IX CONTAINING FE'
3 non-polymer 5-EXO-HYDROXYCAMPHOR
4 non-polymer 'SULFATE ION'
5 non-polymer CAMPHOR
6 water water
#
_entity_poly.entity_id   1
_entity_poly.type   'polypeptide(L)'
_entity_poly.pdbx_seq_one_letter_code
;MGSSHHHHHHSSGLVPRGSHMNAQTSTATQKHRVAPPPHVPGHLIREIDAYDLDGLEQGFHEAWKRVQQPDTPPLVWTPF
TGGHWIATRGTLIDEIYRSPERFSSRVIWVPREAGEAYDMVPTKLDPPEHTPYRKAIDKGLNLAEIRKLEDQIRTIAVEI
IEGFADRGHCEFGSEFSTVFPVRVFLALAGLPVEDATKLGLLANEMTRPSGNTPEEQGRSLEAANKGFFEYVAPIIAARR
GGSGTDLITRILNVEIDGKPMPDDRALGLVSLLLLGGLETVVNFLGFMMIYLSRHPETVAEMRREPLKLQRGVEELFRRF
AVVSDARYVVSDMEFHGTMLKEGDLILLPTALHGLDDRHHDDPMTVDLSRRDVTHSTFAQGPHRCAGMHLARLEVTVMLQ
EWLARIPEFRLKDRAVPIYHSGIVAAVENIPLEWEPQ
;
_entity_poly.pdbx_strand_id   A,B
#
loop_
_chem_comp.id
_chem_comp.type
_chem_comp.name
_chem_comp.formula
CAH non-polymer 5-EXO-HYDROXYCAMPHOR 'C10 H16 O2'
CAM non-polymer CAMPHOR 'C10 H16 O'
HEM non-polymer 'PROTOPORPHYRIN IX CONTAINING FE' 'C34 H32 Fe N4 O4'
SO4 non-polymer 'SULFATE ION' 'O4 S -2'
#
# COMPACT_ATOMS: atom_id res chain seq x y z
N GLN A 30 26.78 -22.10 11.75
CA GLN A 30 25.77 -22.98 11.17
C GLN A 30 24.36 -22.55 11.58
N LYS A 31 23.45 -22.41 10.61
CA LYS A 31 22.17 -21.76 10.82
C LYS A 31 21.06 -22.77 11.10
N HIS A 32 20.23 -22.47 12.08
CA HIS A 32 19.07 -23.31 12.39
C HIS A 32 17.97 -23.09 11.35
N ARG A 33 17.44 -24.18 10.80
CA ARG A 33 16.46 -24.13 9.72
C ARG A 33 15.22 -24.93 10.09
N VAL A 34 14.04 -24.47 9.67
CA VAL A 34 12.84 -25.27 9.79
C VAL A 34 12.30 -25.52 8.39
N ALA A 35 11.54 -26.60 8.26
CA ALA A 35 10.93 -26.91 6.98
C ALA A 35 9.69 -26.04 6.76
N PRO A 36 9.39 -25.66 5.53
CA PRO A 36 8.21 -24.83 5.25
C PRO A 36 6.93 -25.60 5.54
N PRO A 37 5.93 -24.95 6.13
CA PRO A 37 4.62 -25.61 6.30
C PRO A 37 3.96 -25.88 4.97
N PRO A 38 2.93 -26.74 4.95
CA PRO A 38 2.31 -27.12 3.67
C PRO A 38 1.74 -25.95 2.88
N HIS A 39 1.32 -24.87 3.52
CA HIS A 39 0.71 -23.78 2.76
C HIS A 39 1.71 -22.81 2.16
N VAL A 40 3.01 -22.96 2.43
CA VAL A 40 4.03 -22.07 1.90
C VAL A 40 4.60 -22.69 0.62
N PRO A 41 4.38 -22.08 -0.54
CA PRO A 41 4.92 -22.62 -1.78
C PRO A 41 6.41 -22.32 -1.93
N GLY A 42 7.12 -23.25 -2.58
CA GLY A 42 8.56 -23.11 -2.71
C GLY A 42 8.98 -21.82 -3.39
N HIS A 43 8.18 -21.31 -4.32
CA HIS A 43 8.62 -20.11 -5.04
C HIS A 43 8.64 -18.86 -4.16
N LEU A 44 8.03 -18.91 -2.98
CA LEU A 44 8.06 -17.78 -2.06
C LEU A 44 9.15 -17.88 -1.00
N ILE A 45 9.95 -18.94 -1.00
CA ILE A 45 10.94 -19.12 0.07
C ILE A 45 12.16 -18.25 -0.24
N ARG A 46 12.64 -17.53 0.77
CA ARG A 46 13.87 -16.74 0.65
C ARG A 46 14.65 -16.91 1.94
N GLU A 47 15.95 -17.15 1.83
CA GLU A 47 16.77 -17.42 3.02
C GLU A 47 17.26 -16.08 3.57
N ILE A 48 16.49 -15.52 4.50
CA ILE A 48 16.75 -14.21 5.08
C ILE A 48 16.84 -14.37 6.58
N ASP A 49 17.95 -13.94 7.17
CA ASP A 49 18.19 -14.05 8.61
C ASP A 49 18.13 -12.65 9.20
N ALA A 50 17.00 -12.36 9.86
CA ALA A 50 16.80 -11.01 10.38
C ALA A 50 17.81 -10.64 11.47
N TYR A 51 18.43 -11.64 12.13
CA TYR A 51 19.43 -11.35 13.16
C TYR A 51 20.86 -11.31 12.64
N ASP A 52 21.06 -11.57 11.35
CA ASP A 52 22.39 -11.50 10.74
C ASP A 52 22.24 -11.39 9.23
N LEU A 53 21.72 -10.24 8.77
CA LEU A 53 21.32 -10.14 7.38
C LEU A 53 22.50 -10.31 6.43
N ASP A 54 22.25 -10.97 5.31
CA ASP A 54 23.23 -10.99 4.22
C ASP A 54 23.59 -9.57 3.80
N GLY A 55 24.89 -9.28 3.72
CA GLY A 55 25.36 -7.96 3.32
C GLY A 55 25.37 -6.91 4.42
N LEU A 56 25.20 -7.33 5.67
CA LEU A 56 25.06 -6.40 6.79
C LEU A 56 26.33 -5.57 6.99
N GLU A 57 27.50 -6.10 6.61
CA GLU A 57 28.74 -5.35 6.76
C GLU A 57 28.76 -4.07 5.93
N GLN A 58 27.92 -3.96 4.91
CA GLN A 58 27.84 -2.72 4.16
C GLN A 58 26.79 -1.76 4.70
N GLY A 59 26.08 -2.15 5.75
CA GLY A 59 25.05 -1.30 6.31
C GLY A 59 23.76 -2.04 6.53
N PHE A 60 23.07 -1.71 7.64
CA PHE A 60 21.78 -2.28 7.96
C PHE A 60 20.74 -1.95 6.87
N HIS A 61 20.64 -0.67 6.50
CA HIS A 61 19.62 -0.27 5.52
C HIS A 61 19.92 -0.86 4.16
N GLU A 62 21.19 -0.88 3.78
CA GLU A 62 21.62 -1.49 2.54
C GLU A 62 21.33 -2.99 2.51
N ALA A 63 21.56 -3.67 3.64
CA ALA A 63 21.26 -5.11 3.71
C ALA A 63 19.76 -5.39 3.54
N TRP A 64 18.89 -4.62 4.20
CA TRP A 64 17.46 -4.84 3.99
C TRP A 64 17.06 -4.53 2.56
N LYS A 65 17.67 -3.51 1.95
CA LYS A 65 17.31 -3.16 0.57
C LYS A 65 17.68 -4.26 -0.41
N ARG A 66 18.66 -5.10 -0.08
CA ARG A 66 18.93 -6.27 -0.92
C ARG A 66 17.74 -7.22 -1.02
N VAL A 67 16.90 -7.27 0.01
CA VAL A 67 15.72 -8.14 0.00
C VAL A 67 14.68 -7.63 -0.97
N GLN A 68 14.61 -6.31 -1.14
CA GLN A 68 13.55 -5.62 -1.88
C GLN A 68 14.01 -5.39 -3.32
N GLN A 69 13.95 -6.46 -4.11
CA GLN A 69 14.33 -6.41 -5.51
C GLN A 69 13.10 -6.14 -6.37
N PRO A 70 13.30 -5.76 -7.65
CA PRO A 70 12.14 -5.33 -8.46
C PRO A 70 11.04 -6.36 -8.61
N ASP A 71 11.36 -7.66 -8.66
CA ASP A 71 10.36 -8.70 -8.84
C ASP A 71 10.10 -9.49 -7.55
N THR A 72 10.59 -9.03 -6.42
CA THR A 72 10.40 -9.78 -5.17
C THR A 72 8.93 -9.83 -4.79
N PRO A 73 8.40 -11.00 -4.41
CA PRO A 73 7.01 -11.06 -3.97
C PRO A 73 6.78 -10.18 -2.77
N PRO A 74 5.54 -9.71 -2.59
CA PRO A 74 5.25 -8.84 -1.45
C PRO A 74 5.41 -9.53 -0.11
N LEU A 75 5.18 -10.83 -0.03
CA LEU A 75 5.44 -11.61 1.18
C LEU A 75 6.31 -12.79 0.82
N VAL A 76 7.42 -12.95 1.53
CA VAL A 76 8.31 -14.10 1.33
C VAL A 76 8.49 -14.78 2.66
N TRP A 77 8.85 -16.06 2.60
CA TRP A 77 8.92 -16.88 3.79
C TRP A 77 10.37 -17.35 3.98
N THR A 78 10.89 -17.18 5.20
CA THR A 78 12.25 -17.61 5.46
C THR A 78 12.26 -18.80 6.42
N PRO A 79 13.14 -19.78 6.21
CA PRO A 79 13.23 -20.91 7.13
C PRO A 79 14.06 -20.65 8.38
N PHE A 80 14.67 -19.47 8.48
CA PHE A 80 15.47 -19.09 9.62
C PHE A 80 14.59 -18.46 10.71
N THR A 81 15.16 -18.35 11.91
CA THR A 81 14.50 -17.71 13.05
C THR A 81 13.14 -18.35 13.33
N GLY A 82 13.07 -19.67 13.20
CA GLY A 82 11.85 -20.40 13.48
C GLY A 82 10.88 -20.51 12.33
N GLY A 83 11.13 -19.81 11.22
CA GLY A 83 10.22 -19.84 10.09
C GLY A 83 9.18 -18.75 10.22
N HIS A 84 9.14 -17.82 9.27
CA HIS A 84 8.23 -16.69 9.39
C HIS A 84 8.18 -15.97 8.05
N TRP A 85 7.12 -15.20 7.86
CA TRP A 85 7.00 -14.36 6.69
C TRP A 85 7.77 -13.05 6.88
N ILE A 86 8.09 -12.42 5.77
CA ILE A 86 8.62 -11.06 5.74
C ILE A 86 7.84 -10.24 4.72
N ALA A 87 7.31 -9.10 5.14
CA ALA A 87 6.68 -8.16 4.22
C ALA A 87 7.78 -7.34 3.55
N THR A 88 7.77 -7.27 2.22
CA THR A 88 8.89 -6.68 1.50
C THR A 88 8.60 -5.32 0.90
N ARG A 89 7.39 -4.77 1.08
CA ARG A 89 7.02 -3.52 0.45
C ARG A 89 6.24 -2.65 1.42
N GLY A 90 6.39 -1.34 1.24
CA GLY A 90 5.82 -0.38 2.18
C GLY A 90 4.31 -0.45 2.31
N THR A 91 3.60 -0.69 1.20
CA THR A 91 2.14 -0.70 1.29
C THR A 91 1.67 -1.81 2.22
N LEU A 92 2.30 -2.99 2.16
CA LEU A 92 1.92 -4.07 3.07
C LEU A 92 2.29 -3.75 4.51
N ILE A 93 3.50 -3.25 4.73
CA ILE A 93 3.91 -2.90 6.10
C ILE A 93 2.91 -1.92 6.71
N ASP A 94 2.63 -0.83 6.00
CA ASP A 94 1.65 0.16 6.47
C ASP A 94 0.29 -0.49 6.73
N GLU A 95 -0.20 -1.30 5.80
CA GLU A 95 -1.54 -1.88 5.96
C GLU A 95 -1.58 -2.84 7.15
N ILE A 96 -0.54 -3.64 7.35
CA ILE A 96 -0.55 -4.61 8.44
C ILE A 96 -0.59 -3.90 9.78
N TYR A 97 0.24 -2.86 9.94
CA TYR A 97 0.23 -2.09 11.19
C TYR A 97 -1.12 -1.46 11.44
N ARG A 98 -1.82 -1.03 10.39
CA ARG A 98 -3.11 -0.36 10.53
C ARG A 98 -4.27 -1.32 10.77
N SER A 99 -4.03 -2.63 10.76
CA SER A 99 -5.09 -3.64 10.77
C SER A 99 -4.97 -4.61 11.94
N PRO A 100 -5.14 -4.13 13.17
CA PRO A 100 -4.99 -5.03 14.32
C PRO A 100 -6.03 -6.14 14.38
N GLU A 101 -7.21 -5.96 13.77
CA GLU A 101 -8.20 -7.04 13.81
C GLU A 101 -7.77 -8.23 12.97
N ARG A 102 -6.89 -8.03 11.98
CA ARG A 102 -6.39 -9.10 11.13
C ARG A 102 -4.96 -9.51 11.49
N PHE A 103 -4.18 -8.60 12.07
CA PHE A 103 -2.77 -8.87 12.40
C PHE A 103 -2.56 -8.39 13.84
N SER A 104 -2.60 -9.36 14.75
CA SER A 104 -2.61 -9.10 16.17
C SER A 104 -1.20 -8.85 16.71
N SER A 105 -1.13 -8.08 17.79
CA SER A 105 0.11 -7.91 18.54
C SER A 105 0.31 -8.96 19.63
N ARG A 106 -0.42 -10.07 19.59
CA ARG A 106 -0.20 -11.06 20.64
C ARG A 106 1.18 -11.70 20.50
N VAL A 107 1.79 -11.69 19.32
CA VAL A 107 3.20 -11.99 19.12
C VAL A 107 3.79 -10.90 18.22
N ILE A 108 4.80 -10.18 18.71
CA ILE A 108 5.40 -9.14 17.87
C ILE A 108 6.90 -9.32 17.74
N TRP A 109 7.43 -10.44 18.20
CA TRP A 109 8.85 -10.76 18.06
C TRP A 109 9.00 -12.03 17.25
N VAL A 110 10.11 -12.13 16.51
CA VAL A 110 10.58 -13.42 16.03
C VAL A 110 11.86 -13.70 16.80
N PRO A 111 12.18 -14.95 17.10
CA PRO A 111 11.36 -16.14 16.83
C PRO A 111 10.13 -16.18 17.74
N ARG A 112 9.20 -17.08 17.43
CA ARG A 112 7.94 -17.13 18.15
C ARG A 112 8.15 -17.33 19.65
N GLU A 113 9.13 -18.17 20.03
CA GLU A 113 9.39 -18.40 21.45
C GLU A 113 9.70 -17.10 22.17
N ALA A 114 10.49 -16.24 21.55
CA ALA A 114 10.76 -14.93 22.14
C ALA A 114 9.49 -14.07 22.15
N GLY A 115 8.71 -14.09 21.06
CA GLY A 115 7.52 -13.28 21.01
C GLY A 115 6.49 -13.69 22.05
N GLU A 116 6.44 -14.97 22.38
CA GLU A 116 5.54 -15.45 23.42
C GLU A 116 6.05 -15.10 24.82
N ALA A 117 7.37 -14.99 24.98
CA ALA A 117 7.94 -14.61 26.26
C ALA A 117 7.86 -13.11 26.50
N TYR A 118 7.76 -12.31 25.44
CA TYR A 118 7.79 -10.87 25.54
C TYR A 118 6.60 -10.36 26.35
N ASP A 119 6.88 -9.46 27.30
CA ASP A 119 5.84 -8.92 28.17
C ASP A 119 6.16 -7.44 28.40
N MET A 120 5.72 -6.62 27.47
CA MET A 120 5.77 -5.17 27.61
C MET A 120 4.37 -4.66 27.32
N VAL A 121 4.04 -3.53 27.95
CA VAL A 121 2.68 -3.02 27.91
C VAL A 121 2.78 -1.60 27.38
N PRO A 122 1.93 -1.18 26.44
CA PRO A 122 0.80 -1.94 25.89
C PRO A 122 1.07 -2.60 24.54
N THR A 123 2.33 -2.86 24.22
CA THR A 123 2.64 -3.35 22.89
C THR A 123 2.12 -4.76 22.64
N LYS A 124 1.86 -5.54 23.68
CA LYS A 124 1.30 -6.86 23.48
C LYS A 124 -0.22 -6.86 23.42
N LEU A 125 -0.86 -5.70 23.55
CA LEU A 125 -2.31 -5.61 23.62
C LEU A 125 -2.89 -5.13 22.29
N ASP A 126 -4.06 -5.68 21.94
CA ASP A 126 -4.84 -5.15 20.84
C ASP A 126 -5.93 -4.23 21.38
N PRO A 127 -6.47 -3.32 20.57
CA PRO A 127 -7.71 -2.62 20.99
C PRO A 127 -8.82 -3.62 21.21
N PRO A 128 -9.66 -3.43 22.24
CA PRO A 128 -9.75 -2.25 23.11
C PRO A 128 -8.91 -2.31 24.39
N GLU A 129 -8.32 -3.45 24.73
CA GLU A 129 -7.50 -3.51 25.96
C GLU A 129 -6.33 -2.53 25.88
N HIS A 130 -5.80 -2.32 24.68
CA HIS A 130 -4.69 -1.40 24.47
C HIS A 130 -5.05 0.04 24.84
N THR A 131 -6.29 0.43 24.57
CA THR A 131 -6.64 1.85 24.58
C THR A 131 -6.41 2.55 25.91
N PRO A 132 -6.88 2.05 27.06
CA PRO A 132 -6.68 2.82 28.30
C PRO A 132 -5.21 2.96 28.67
N TYR A 133 -4.36 1.99 28.30
CA TYR A 133 -2.94 2.10 28.62
C TYR A 133 -2.22 3.10 27.71
N ARG A 134 -2.58 3.13 26.42
CA ARG A 134 -2.02 4.16 25.55
C ARG A 134 -2.46 5.55 25.99
N LYS A 135 -3.70 5.69 26.46
CA LYS A 135 -4.15 6.97 27.00
C LYS A 135 -3.31 7.38 28.20
N ALA A 136 -2.99 6.44 29.09
CA ALA A 136 -2.13 6.75 30.22
C ALA A 136 -0.76 7.20 29.75
N ILE A 137 -0.15 6.48 28.80
CA ILE A 137 1.18 6.86 28.32
C ILE A 137 1.15 8.25 27.71
N ASP A 138 0.13 8.54 26.90
CA ASP A 138 0.05 9.83 26.23
C ASP A 138 -0.03 10.98 27.23
N LYS A 139 -0.55 10.72 28.44
CA LYS A 139 -0.56 11.78 29.45
C LYS A 139 0.86 12.26 29.76
N GLY A 140 1.85 11.38 29.63
CA GLY A 140 3.22 11.76 29.89
C GLY A 140 4.02 12.14 28.66
N LEU A 141 3.67 11.60 27.49
CA LEU A 141 4.52 11.77 26.32
C LEU A 141 3.88 12.61 25.21
N ASN A 142 2.71 13.22 25.45
CA ASN A 142 2.09 13.99 24.38
C ASN A 142 2.95 15.20 24.01
N LEU A 143 2.68 15.73 22.81
CA LEU A 143 3.53 16.79 22.27
C LEU A 143 3.64 17.98 23.21
N ALA A 144 2.54 18.38 23.85
CA ALA A 144 2.60 19.51 24.78
C ALA A 144 3.55 19.22 25.95
N GLU A 145 3.50 18.01 26.51
CA GLU A 145 4.41 17.66 27.60
C GLU A 145 5.86 17.62 27.13
N ILE A 146 6.11 17.07 25.94
CA ILE A 146 7.47 16.98 25.42
C ILE A 146 8.04 18.37 25.15
N ARG A 147 7.22 19.31 24.67
CA ARG A 147 7.71 20.65 24.41
C ARG A 147 8.33 21.27 25.65
N LYS A 148 7.82 20.94 26.84
CA LYS A 148 8.37 21.46 28.07
C LYS A 148 9.81 21.00 28.32
N LEU A 149 10.25 19.94 27.65
CA LEU A 149 11.56 19.35 27.90
C LEU A 149 12.66 19.93 27.04
N GLU A 150 12.33 20.80 26.09
CA GLU A 150 13.33 21.20 25.10
C GLU A 150 14.60 21.74 25.74
N ASP A 151 14.48 22.61 26.75
CA ASP A 151 15.71 23.22 27.23
C ASP A 151 16.56 22.27 28.06
N GLN A 152 15.96 21.35 28.82
CA GLN A 152 16.82 20.42 29.55
C GLN A 152 17.48 19.44 28.59
N ILE A 153 16.81 19.09 27.48
CA ILE A 153 17.46 18.30 26.44
C ILE A 153 18.63 19.07 25.84
N ARG A 154 18.42 20.36 25.55
CA ARG A 154 19.48 21.18 24.97
C ARG A 154 20.67 21.28 25.91
N THR A 155 20.45 21.47 27.21
CA THR A 155 21.63 21.60 28.08
C THR A 155 22.41 20.29 28.17
N ILE A 156 21.73 19.14 28.11
CA ILE A 156 22.46 17.88 28.09
C ILE A 156 23.29 17.76 26.83
N ALA A 157 22.70 18.08 25.67
CA ALA A 157 23.42 18.02 24.41
C ALA A 157 24.64 18.92 24.42
N VAL A 158 24.46 20.17 24.84
CA VAL A 158 25.55 21.15 24.81
C VAL A 158 26.69 20.69 25.71
N GLU A 159 26.35 20.20 26.91
CA GLU A 159 27.39 19.77 27.84
C GLU A 159 28.26 18.68 27.22
N ILE A 160 27.62 17.68 26.60
CA ILE A 160 28.39 16.60 25.98
C ILE A 160 29.23 17.12 24.83
N ILE A 161 28.62 17.88 23.92
CA ILE A 161 29.33 18.33 22.73
C ILE A 161 30.51 19.22 23.11
N GLU A 162 30.33 20.06 24.13
CA GLU A 162 31.43 20.95 24.51
C GLU A 162 32.62 20.18 25.07
N GLY A 163 32.43 18.92 25.48
CA GLY A 163 33.53 18.07 25.91
C GLY A 163 34.51 17.71 24.82
N PHE A 164 34.10 17.72 23.55
CA PHE A 164 35.02 17.34 22.47
C PHE A 164 35.04 18.27 21.28
N ALA A 165 34.18 19.30 21.24
CA ALA A 165 34.07 20.12 20.04
C ALA A 165 35.40 20.77 19.66
N ASP A 166 36.21 21.14 20.64
CA ASP A 166 37.48 21.78 20.31
C ASP A 166 38.57 20.76 20.02
N ARG A 167 38.28 19.47 20.21
CA ARG A 167 39.30 18.45 20.04
C ARG A 167 39.56 18.12 18.57
N GLY A 168 38.54 18.26 17.71
CA GLY A 168 38.71 17.95 16.31
C GLY A 168 38.47 16.49 15.95
N HIS A 169 38.06 15.66 16.90
CA HIS A 169 37.74 14.28 16.60
C HIS A 169 36.95 13.70 17.76
N CYS A 170 36.10 12.73 17.47
CA CYS A 170 35.52 11.94 18.55
C CYS A 170 35.04 10.62 17.97
N GLU A 171 34.83 9.66 18.85
CA GLU A 171 34.12 8.44 18.46
C GLU A 171 32.66 8.70 18.80
N PHE A 172 31.86 8.98 17.77
CA PHE A 172 30.52 9.50 17.98
C PHE A 172 29.65 8.54 18.76
N GLY A 173 29.79 7.25 18.52
CA GLY A 173 29.01 6.27 19.23
C GLY A 173 29.22 6.31 20.73
N SER A 174 30.47 6.12 21.18
CA SER A 174 30.65 6.02 22.61
C SER A 174 30.69 7.38 23.29
N GLU A 175 31.03 8.45 22.56
CA GLU A 175 31.12 9.76 23.19
C GLU A 175 29.85 10.60 23.05
N PHE A 176 28.91 10.22 22.17
CA PHE A 176 27.68 11.01 22.10
C PHE A 176 26.40 10.19 21.95
N SER A 177 26.30 9.39 20.89
CA SER A 177 25.00 8.79 20.60
C SER A 177 24.56 7.82 21.70
N THR A 178 25.48 7.15 22.38
CA THR A 178 25.08 6.28 23.49
C THR A 178 24.95 7.03 24.81
N VAL A 179 25.29 8.31 24.85
CA VAL A 179 25.27 9.10 26.07
C VAL A 179 24.06 10.04 26.13
N PHE A 180 23.87 10.82 25.06
CA PHE A 180 22.87 11.89 25.09
C PHE A 180 21.45 11.40 25.30
N PRO A 181 20.90 10.46 24.52
CA PRO A 181 19.50 10.07 24.74
C PRO A 181 19.29 9.35 26.05
N VAL A 182 20.30 8.64 26.53
CA VAL A 182 20.17 7.93 27.80
C VAL A 182 20.10 8.92 28.96
N ARG A 183 20.96 9.95 28.93
CA ARG A 183 20.92 10.98 29.97
C ARG A 183 19.59 11.73 29.95
N VAL A 184 19.07 12.01 28.75
CA VAL A 184 17.77 12.66 28.63
C VAL A 184 16.69 11.79 29.28
N PHE A 185 16.63 10.52 28.91
CA PHE A 185 15.50 9.71 29.38
C PHE A 185 15.62 9.41 30.88
N LEU A 186 16.82 9.12 31.37
CA LEU A 186 16.93 8.81 32.80
C LEU A 186 16.60 10.04 33.64
N ALA A 187 16.98 11.23 33.18
CA ALA A 187 16.58 12.44 33.88
C ALA A 187 15.06 12.61 33.84
N LEU A 188 14.46 12.40 32.66
CA LEU A 188 13.02 12.53 32.52
C LEU A 188 12.28 11.51 33.36
N ALA A 189 12.79 10.28 33.43
CA ALA A 189 12.19 9.23 34.23
C ALA A 189 12.54 9.31 35.71
N GLY A 190 13.41 10.24 36.10
CA GLY A 190 13.84 10.36 37.48
C GLY A 190 14.64 9.18 37.98
N LEU A 191 15.53 8.65 37.16
CA LEU A 191 16.33 7.49 37.49
C LEU A 191 17.80 7.87 37.54
N PRO A 192 18.63 7.15 38.30
CA PRO A 192 20.05 7.53 38.40
C PRO A 192 20.80 7.19 37.13
N VAL A 193 21.67 8.11 36.70
CA VAL A 193 22.45 7.89 35.47
C VAL A 193 23.30 6.64 35.58
N GLU A 194 23.72 6.29 36.79
CA GLU A 194 24.59 5.14 36.97
C GLU A 194 23.92 3.83 36.60
N ASP A 195 22.59 3.81 36.45
CA ASP A 195 21.88 2.62 36.02
C ASP A 195 21.96 2.39 34.51
N ALA A 196 22.56 3.32 33.76
CA ALA A 196 22.60 3.26 32.30
C ALA A 196 23.16 1.93 31.79
N THR A 197 24.27 1.47 32.37
CA THR A 197 24.93 0.28 31.84
C THR A 197 24.08 -0.96 32.02
N LYS A 198 23.60 -1.18 33.25
CA LYS A 198 22.72 -2.28 33.58
C LYS A 198 21.51 -2.32 32.64
N LEU A 199 20.88 -1.17 32.42
CA LEU A 199 19.68 -1.14 31.60
C LEU A 199 20.01 -1.34 30.13
N GLY A 200 21.16 -0.84 29.67
CA GLY A 200 21.54 -1.06 28.28
C GLY A 200 21.79 -2.52 27.98
N LEU A 201 22.37 -3.26 28.94
CA LEU A 201 22.62 -4.67 28.73
C LEU A 201 21.33 -5.46 28.61
N LEU A 202 20.34 -5.14 29.45
CA LEU A 202 19.05 -5.80 29.34
C LEU A 202 18.38 -5.46 28.01
N ALA A 203 18.47 -4.19 27.61
CA ALA A 203 17.85 -3.75 26.37
C ALA A 203 18.48 -4.42 25.16
N ASN A 204 19.82 -4.56 25.15
CA ASN A 204 20.49 -5.31 24.08
C ASN A 204 19.95 -6.72 23.96
N GLU A 205 19.71 -7.40 25.09
CA GLU A 205 19.21 -8.76 25.00
C GLU A 205 17.74 -8.83 24.65
N MET A 206 16.98 -7.76 24.89
CA MET A 206 15.60 -7.72 24.41
C MET A 206 15.56 -7.65 22.89
N THR A 207 16.38 -6.77 22.30
CA THR A 207 16.24 -6.44 20.89
C THR A 207 17.12 -7.27 19.98
N ARG A 208 18.25 -7.78 20.48
CA ARG A 208 19.10 -8.69 19.72
C ARG A 208 19.45 -9.87 20.65
N PRO A 209 18.46 -10.71 20.98
CA PRO A 209 18.71 -11.77 21.97
C PRO A 209 19.72 -12.81 21.52
N SER A 210 20.55 -13.24 22.46
CA SER A 210 21.58 -14.23 22.19
C SER A 210 21.00 -15.61 21.97
N GLY A 211 21.65 -16.38 21.11
CA GLY A 211 21.31 -17.78 20.90
C GLY A 211 21.41 -18.23 19.46
N ASN A 212 21.75 -19.50 19.27
CA ASN A 212 21.87 -20.09 17.94
C ASN A 212 20.61 -20.84 17.54
N THR A 213 19.52 -20.65 18.27
CA THR A 213 18.40 -21.52 18.18
C THR A 213 17.16 -20.76 18.63
N PRO A 214 15.99 -21.00 18.02
CA PRO A 214 14.77 -20.29 18.50
C PRO A 214 14.52 -20.45 19.99
N GLU A 215 14.68 -21.67 20.52
CA GLU A 215 14.50 -21.88 21.96
C GLU A 215 15.52 -21.08 22.77
N GLU A 216 16.79 -21.07 22.32
CA GLU A 216 17.82 -20.30 23.03
C GLU A 216 17.47 -18.82 23.04
N GLN A 217 17.06 -18.27 21.89
CA GLN A 217 16.69 -16.85 21.85
C GLN A 217 15.46 -16.59 22.69
N GLY A 218 14.51 -17.52 22.71
CA GLY A 218 13.38 -17.39 23.62
C GLY A 218 13.83 -17.25 25.05
N ARG A 219 14.81 -18.06 25.47
CA ARG A 219 15.29 -18.01 26.85
C ARG A 219 16.04 -16.72 27.13
N SER A 220 16.83 -16.23 26.16
CA SER A 220 17.59 -14.99 26.37
C SER A 220 16.66 -13.79 26.53
N LEU A 221 15.60 -13.73 25.73
CA LEU A 221 14.66 -12.62 25.88
C LEU A 221 13.91 -12.74 27.21
N GLU A 222 13.52 -13.97 27.57
CA GLU A 222 12.85 -14.19 28.85
C GLU A 222 13.67 -13.66 30.01
N ALA A 223 14.98 -13.96 30.00
CA ALA A 223 15.86 -13.51 31.08
C ALA A 223 15.98 -11.99 31.09
N ALA A 224 16.12 -11.37 29.92
CA ALA A 224 16.21 -9.91 29.89
C ALA A 224 14.92 -9.27 30.36
N ASN A 225 13.77 -9.81 29.93
CA ASN A 225 12.49 -9.26 30.35
C ASN A 225 12.31 -9.38 31.86
N LYS A 226 12.79 -10.49 32.44
CA LYS A 226 12.75 -10.64 33.90
C LYS A 226 13.66 -9.62 34.57
N GLY A 227 14.83 -9.36 33.98
CA GLY A 227 15.70 -8.34 34.54
C GLY A 227 15.05 -6.97 34.58
N PHE A 228 14.31 -6.61 33.52
CA PHE A 228 13.60 -5.34 33.53
C PHE A 228 12.55 -5.32 34.65
N PHE A 229 11.74 -6.38 34.74
CA PHE A 229 10.71 -6.41 35.78
C PHE A 229 11.32 -6.31 37.17
N GLU A 230 12.46 -6.97 37.39
CA GLU A 230 13.12 -6.90 38.70
C GLU A 230 13.56 -5.48 39.00
N TYR A 231 14.04 -4.77 37.97
CA TYR A 231 14.51 -3.40 38.18
C TYR A 231 13.35 -2.45 38.46
N VAL A 232 12.24 -2.57 37.74
CA VAL A 232 11.19 -1.55 37.86
C VAL A 232 10.24 -1.81 39.02
N ALA A 233 10.14 -3.05 39.51
CA ALA A 233 9.18 -3.36 40.57
C ALA A 233 9.33 -2.48 41.81
N PRO A 234 10.54 -2.26 42.36
CA PRO A 234 10.64 -1.37 43.54
C PRO A 234 10.35 0.07 43.20
N ILE A 235 10.64 0.51 41.98
CA ILE A 235 10.32 1.86 41.55
C ILE A 235 8.82 2.06 41.49
N ILE A 236 8.11 1.09 40.91
CA ILE A 236 6.65 1.17 40.86
C ILE A 236 6.08 1.22 42.27
N ALA A 237 6.54 0.33 43.15
CA ALA A 237 6.00 0.32 44.52
C ALA A 237 6.22 1.66 45.21
N ALA A 238 7.36 2.29 44.97
CA ALA A 238 7.69 3.54 45.64
C ALA A 238 6.89 4.73 45.08
N ARG A 239 6.50 4.68 43.80
CA ARG A 239 5.94 5.86 43.16
C ARG A 239 4.43 5.79 42.99
N ARG A 240 3.78 4.69 43.35
CA ARG A 240 2.32 4.66 43.36
C ARG A 240 1.82 5.68 44.38
N GLY A 241 0.89 6.53 43.95
CA GLY A 241 0.48 7.65 44.78
C GLY A 241 1.56 8.68 45.03
N GLY A 242 2.73 8.55 44.40
CA GLY A 242 3.83 9.41 44.73
C GLY A 242 3.60 10.86 44.32
N SER A 243 4.48 11.72 44.83
CA SER A 243 4.43 13.15 44.58
C SER A 243 5.45 13.61 43.54
N GLY A 244 6.28 12.71 43.02
CA GLY A 244 7.26 13.10 42.03
C GLY A 244 6.63 13.62 40.76
N THR A 245 7.40 14.45 40.06
CA THR A 245 6.99 14.99 38.77
C THR A 245 7.57 14.22 37.60
N ASP A 246 8.31 13.15 37.87
CA ASP A 246 8.96 12.37 36.83
C ASP A 246 7.95 11.64 35.95
N LEU A 247 8.41 11.20 34.78
CA LEU A 247 7.56 10.53 33.81
C LEU A 247 6.89 9.29 34.40
N ILE A 248 7.62 8.53 35.20
CA ILE A 248 7.07 7.28 35.71
C ILE A 248 5.91 7.57 36.67
N THR A 249 6.12 8.47 37.62
CA THR A 249 5.02 8.81 38.54
C THR A 249 3.81 9.30 37.78
N ARG A 250 4.01 10.17 36.78
CA ARG A 250 2.90 10.75 36.06
C ARG A 250 2.08 9.68 35.33
N ILE A 251 2.75 8.76 34.63
CA ILE A 251 2.02 7.76 33.85
C ILE A 251 1.44 6.70 34.77
N LEU A 252 2.21 6.27 35.76
CA LEU A 252 1.80 5.17 36.63
C LEU A 252 0.51 5.47 37.37
N ASN A 253 0.26 6.74 37.70
CA ASN A 253 -0.87 7.12 38.51
C ASN A 253 -2.07 7.59 37.71
N VAL A 254 -2.11 7.28 36.41
CA VAL A 254 -3.32 7.42 35.62
C VAL A 254 -4.21 6.22 35.89
N GLU A 255 -5.49 6.46 36.18
CA GLU A 255 -6.40 5.36 36.48
C GLU A 255 -6.72 4.56 35.23
N ILE A 256 -6.83 3.25 35.39
CA ILE A 256 -7.27 2.33 34.35
C ILE A 256 -8.66 1.85 34.75
N ASP A 257 -9.67 2.19 33.95
CA ASP A 257 -11.05 1.82 34.23
C ASP A 257 -11.42 2.19 35.67
N GLY A 258 -11.15 3.43 36.03
CA GLY A 258 -11.51 3.95 37.34
C GLY A 258 -10.82 3.28 38.51
N LYS A 259 -9.64 2.72 38.30
CA LYS A 259 -8.94 1.99 39.36
C LYS A 259 -7.44 2.15 39.13
N PRO A 260 -6.63 1.90 40.16
CA PRO A 260 -5.18 1.89 39.96
C PRO A 260 -4.75 0.79 39.00
N MET A 261 -3.80 1.13 38.15
CA MET A 261 -3.20 0.19 37.22
C MET A 261 -2.73 -1.07 37.94
N PRO A 262 -3.11 -2.27 37.49
CA PRO A 262 -2.64 -3.49 38.15
C PRO A 262 -1.13 -3.66 38.02
N ASP A 263 -0.57 -4.47 38.92
CA ASP A 263 0.88 -4.66 38.98
C ASP A 263 1.42 -5.28 37.70
N ASP A 264 0.75 -6.33 37.20
CA ASP A 264 1.26 -6.99 36.00
C ASP A 264 1.39 -6.02 34.83
N ARG A 265 0.37 -5.18 34.63
CA ARG A 265 0.42 -4.20 33.54
C ARG A 265 1.47 -3.12 33.82
N ALA A 266 1.60 -2.67 35.06
CA ALA A 266 2.54 -1.58 35.37
C ALA A 266 3.98 -2.02 35.13
N LEU A 267 4.33 -3.26 35.49
CA LEU A 267 5.69 -3.73 35.26
C LEU A 267 6.05 -3.67 33.78
N GLY A 268 5.17 -4.20 32.92
CA GLY A 268 5.43 -4.17 31.48
C GLY A 268 5.41 -2.77 30.91
N LEU A 269 4.58 -1.89 31.47
CA LEU A 269 4.48 -0.52 30.98
C LEU A 269 5.77 0.26 31.26
N VAL A 270 6.22 0.24 32.50
CA VAL A 270 7.43 0.98 32.85
C VAL A 270 8.64 0.38 32.15
N SER A 271 8.71 -0.96 32.07
CA SER A 271 9.80 -1.58 31.30
C SER A 271 9.80 -1.12 29.85
N LEU A 272 8.63 -0.98 29.23
CA LEU A 272 8.60 -0.57 27.82
C LEU A 272 9.10 0.86 27.66
N LEU A 273 8.77 1.75 28.62
CA LEU A 273 9.27 3.11 28.57
C LEU A 273 10.79 3.12 28.60
N LEU A 274 11.40 2.31 29.48
CA LEU A 274 12.85 2.23 29.51
C LEU A 274 13.39 1.68 28.20
N LEU A 275 12.74 0.64 27.66
CA LEU A 275 13.22 0.03 26.42
C LEU A 275 13.18 1.04 25.28
N GLY A 276 12.08 1.77 25.15
CA GLY A 276 12.00 2.79 24.12
C GLY A 276 12.95 3.94 24.37
N GLY A 277 13.15 4.32 25.63
CA GLY A 277 14.00 5.45 25.91
C GLY A 277 15.49 5.17 25.75
N LEU A 278 15.90 3.90 25.78
CA LEU A 278 17.32 3.56 25.84
C LEU A 278 17.87 2.88 24.58
N GLU A 279 17.01 2.39 23.69
N GLU A 279 17.02 2.39 23.68
CA GLU A 279 17.43 1.57 22.55
CA GLU A 279 17.50 1.61 22.55
C GLU A 279 16.63 1.92 21.30
C GLU A 279 17.46 2.39 21.25
N THR A 280 16.47 3.21 21.03
N THR A 280 16.30 2.98 20.92
CA THR A 280 15.82 3.64 19.81
CA THR A 280 16.06 3.52 19.58
C THR A 280 16.59 4.81 19.19
C THR A 280 16.85 4.77 19.24
N VAL A 281 16.61 5.90 19.91
CA VAL A 281 17.27 7.13 19.48
C VAL A 281 18.77 6.94 19.47
N VAL A 282 19.31 6.17 20.43
CA VAL A 282 20.75 5.89 20.44
C VAL A 282 21.18 5.31 19.10
N ASN A 283 20.45 4.32 18.62
CA ASN A 283 20.84 3.66 17.38
C ASN A 283 20.50 4.53 16.17
N PHE A 284 19.33 5.18 16.19
CA PHE A 284 18.96 6.08 15.08
C PHE A 284 20.04 7.13 14.83
N LEU A 285 20.54 7.76 15.89
CA LEU A 285 21.54 8.81 15.73
C LEU A 285 22.81 8.32 15.05
N GLY A 286 23.24 7.09 15.34
CA GLY A 286 24.45 6.59 14.71
C GLY A 286 24.31 6.46 13.20
N PHE A 287 23.22 5.86 12.74
CA PHE A 287 22.97 5.73 11.30
C PHE A 287 22.88 7.10 10.65
N MET A 288 22.14 8.01 11.27
CA MET A 288 21.98 9.35 10.73
C MET A 288 23.33 10.04 10.60
N MET A 289 24.18 9.92 11.62
CA MET A 289 25.43 10.67 11.59
C MET A 289 26.43 10.09 10.61
N ILE A 290 26.44 8.77 10.42
CA ILE A 290 27.29 8.18 9.39
C ILE A 290 26.93 8.76 8.02
N TYR A 291 25.63 8.88 7.74
CA TYR A 291 25.20 9.46 6.48
C TYR A 291 25.64 10.92 6.37
N LEU A 292 25.32 11.73 7.39
CA LEU A 292 25.65 13.15 7.30
C LEU A 292 27.15 13.36 7.14
N SER A 293 27.96 12.49 7.78
CA SER A 293 29.42 12.60 7.69
C SER A 293 29.92 12.34 6.27
N ARG A 294 29.15 11.64 5.46
CA ARG A 294 29.52 11.35 4.08
C ARG A 294 28.84 12.28 3.08
N HIS A 295 28.00 13.19 3.56
CA HIS A 295 27.22 14.09 2.72
C HIS A 295 27.35 15.52 3.21
N PRO A 296 28.53 16.12 3.06
CA PRO A 296 28.73 17.48 3.60
C PRO A 296 27.87 18.52 2.92
N GLU A 297 27.43 18.29 1.68
CA GLU A 297 26.55 19.24 1.04
C GLU A 297 25.19 19.28 1.75
N THR A 298 24.71 18.14 2.22
CA THR A 298 23.48 18.12 2.98
C THR A 298 23.64 18.81 4.33
N VAL A 299 24.75 18.56 5.01
CA VAL A 299 25.01 19.26 6.27
C VAL A 299 25.04 20.77 6.03
N ALA A 300 25.64 21.20 4.91
CA ALA A 300 25.75 22.64 4.65
C ALA A 300 24.39 23.28 4.43
N GLU A 301 23.47 22.55 3.78
CA GLU A 301 22.10 23.06 3.64
C GLU A 301 21.46 23.31 5.00
N MET A 302 21.65 22.37 5.94
CA MET A 302 21.11 22.54 7.29
C MET A 302 21.72 23.75 7.98
N ARG A 303 23.01 23.96 7.76
CA ARG A 303 23.70 25.10 8.36
C ARG A 303 23.18 26.43 7.80
N ARG A 304 23.02 26.51 6.48
CA ARG A 304 22.62 27.79 5.88
C ARG A 304 21.14 28.10 6.07
N GLU A 305 20.29 27.08 6.24
CA GLU A 305 18.85 27.26 6.37
C GLU A 305 18.35 26.52 7.60
N PRO A 306 18.30 27.20 8.76
CA PRO A 306 17.89 26.52 10.00
C PRO A 306 16.47 25.98 9.95
N LEU A 307 15.59 26.60 9.18
CA LEU A 307 14.24 26.07 9.04
C LEU A 307 14.22 24.79 8.22
N LYS A 308 15.20 24.62 7.31
CA LYS A 308 15.27 23.39 6.54
C LYS A 308 15.69 22.22 7.42
N LEU A 309 16.59 22.49 8.36
CA LEU A 309 16.88 21.50 9.39
C LEU A 309 15.61 21.12 10.13
N GLN A 310 14.92 22.12 10.72
CA GLN A 310 13.75 21.81 11.53
C GLN A 310 12.71 21.05 10.72
N ARG A 311 12.42 21.53 9.51
CA ARG A 311 11.41 20.90 8.67
C ARG A 311 11.89 19.62 8.03
N GLY A 312 13.19 19.35 8.06
CA GLY A 312 13.76 18.20 7.40
C GLY A 312 13.98 17.02 8.32
N VAL A 313 13.66 17.16 9.60
CA VAL A 313 13.94 16.07 10.54
C VAL A 313 13.11 14.85 10.19
N GLU A 314 11.87 15.04 9.72
CA GLU A 314 11.04 13.88 9.44
C GLU A 314 11.60 13.07 8.27
N GLU A 315 12.28 13.72 7.33
CA GLU A 315 12.95 13.02 6.25
C GLU A 315 14.09 12.17 6.78
N LEU A 316 14.72 12.57 7.88
CA LEU A 316 15.70 11.69 8.51
C LEU A 316 15.03 10.44 9.07
N PHE A 317 13.86 10.60 9.70
CA PHE A 317 13.18 9.41 10.21
C PHE A 317 12.73 8.50 9.07
N ARG A 318 12.37 9.06 7.92
CA ARG A 318 12.06 8.21 6.77
C ARG A 318 13.27 7.38 6.37
N ARG A 319 14.46 7.97 6.42
CA ARG A 319 15.62 7.36 5.83
C ARG A 319 16.35 6.40 6.77
N PHE A 320 16.21 6.58 8.09
CA PHE A 320 17.01 5.78 9.03
C PHE A 320 16.16 4.94 9.99
N ALA A 321 15.25 4.14 9.46
CA ALA A 321 14.44 3.25 10.29
C ALA A 321 15.33 2.27 11.04
N VAL A 322 14.91 1.87 12.25
CA VAL A 322 15.74 0.92 13.00
C VAL A 322 14.95 -0.30 13.49
N VAL A 323 13.60 -0.24 13.50
CA VAL A 323 12.79 -1.31 14.11
C VAL A 323 12.35 -2.31 13.06
N SER A 324 12.43 -3.60 13.39
CA SER A 324 11.83 -4.66 12.58
C SER A 324 11.08 -5.59 13.52
N ASP A 325 9.76 -5.47 13.63
CA ASP A 325 9.05 -6.38 14.53
C ASP A 325 7.88 -7.03 13.81
N ALA A 326 7.04 -7.77 14.52
CA ALA A 326 6.16 -8.70 13.83
C ALA A 326 4.70 -8.51 14.24
N ARG A 327 3.81 -9.19 13.50
CA ARG A 327 2.41 -9.35 13.87
C ARG A 327 2.01 -10.81 13.69
N TYR A 328 0.89 -11.17 14.31
CA TYR A 328 0.36 -12.53 14.34
C TYR A 328 -0.90 -12.57 13.49
N VAL A 329 -0.93 -13.48 12.51
CA VAL A 329 -2.08 -13.58 11.61
C VAL A 329 -3.27 -14.16 12.37
N VAL A 330 -4.36 -13.38 12.45
CA VAL A 330 -5.47 -13.73 13.34
C VAL A 330 -6.27 -14.91 12.79
N SER A 331 -6.45 -14.98 11.47
CA SER A 331 -7.32 -15.95 10.81
C SER A 331 -6.71 -16.37 9.48
N ASP A 332 -6.98 -17.61 9.08
CA ASP A 332 -6.67 -18.00 7.70
C ASP A 332 -7.19 -16.95 6.73
N MET A 333 -6.35 -16.58 5.76
CA MET A 333 -6.71 -15.48 4.88
C MET A 333 -5.83 -15.51 3.62
N GLU A 334 -6.30 -14.82 2.60
CA GLU A 334 -5.45 -14.49 1.46
C GLU A 334 -5.17 -13.00 1.54
N PHE A 335 -3.90 -12.64 1.46
CA PHE A 335 -3.50 -11.25 1.67
C PHE A 335 -2.43 -10.94 0.64
N HIS A 336 -2.70 -9.93 -0.20
CA HIS A 336 -1.81 -9.58 -1.31
C HIS A 336 -1.41 -10.83 -2.09
N GLY A 337 -2.42 -11.61 -2.45
CA GLY A 337 -2.22 -12.78 -3.27
C GLY A 337 -1.51 -13.92 -2.58
N THR A 338 -1.37 -13.88 -1.26
CA THR A 338 -0.60 -14.85 -0.50
C THR A 338 -1.51 -15.55 0.50
N MET A 339 -1.46 -16.88 0.53
CA MET A 339 -2.23 -17.63 1.51
C MET A 339 -1.51 -17.62 2.86
N LEU A 340 -2.19 -17.13 3.89
CA LEU A 340 -1.65 -17.11 5.24
C LEU A 340 -2.54 -17.97 6.13
N LYS A 341 -1.92 -18.59 7.13
CA LYS A 341 -2.65 -19.40 8.10
C LYS A 341 -2.67 -18.68 9.42
N GLU A 342 -3.77 -18.81 10.14
CA GLU A 342 -3.85 -18.36 11.52
C GLU A 342 -2.60 -18.76 12.29
N GLY A 343 -2.03 -17.80 13.04
CA GLY A 343 -0.83 -18.05 13.82
C GLY A 343 0.48 -17.80 13.10
N ASP A 344 0.47 -17.70 11.77
CA ASP A 344 1.67 -17.27 11.04
C ASP A 344 2.16 -15.93 11.59
N LEU A 345 3.49 -15.76 11.61
CA LEU A 345 4.10 -14.50 12.01
C LEU A 345 4.62 -13.78 10.77
N ILE A 346 4.42 -12.46 10.71
CA ILE A 346 4.95 -11.65 9.62
C ILE A 346 5.90 -10.63 10.22
N LEU A 347 7.15 -10.66 9.79
CA LEU A 347 8.11 -9.63 10.17
C LEU A 347 7.92 -8.40 9.28
N LEU A 348 7.94 -7.23 9.93
CA LEU A 348 7.73 -5.93 9.29
C LEU A 348 9.03 -5.15 9.40
N PRO A 349 9.90 -5.24 8.42
CA PRO A 349 11.14 -4.44 8.46
C PRO A 349 10.82 -3.00 8.07
N THR A 350 10.73 -2.11 9.06
CA THR A 350 10.16 -0.78 8.78
C THR A 350 11.00 0.01 7.77
N ALA A 351 12.28 -0.32 7.62
CA ALA A 351 13.10 0.34 6.60
C ALA A 351 12.52 0.13 5.21
N LEU A 352 11.82 -0.97 4.97
CA LEU A 352 11.35 -1.26 3.63
C LEU A 352 10.09 -0.46 3.27
N HIS A 353 9.57 0.35 4.19
CA HIS A 353 8.56 1.35 3.78
C HIS A 353 9.25 2.66 3.40
N GLY A 354 9.97 3.28 4.34
CA GLY A 354 10.63 4.54 4.04
C GLY A 354 11.58 4.46 2.86
N LEU A 355 12.22 3.31 2.64
CA LEU A 355 13.20 3.17 1.57
C LEU A 355 12.62 2.51 0.33
N ASP A 356 11.32 2.24 0.29
CA ASP A 356 10.66 1.62 -0.86
C ASP A 356 10.69 2.58 -2.05
N ASP A 357 11.37 2.18 -3.12
CA ASP A 357 11.43 2.99 -4.33
C ASP A 357 10.06 3.16 -5.00
N ARG A 358 9.09 2.30 -4.67
CA ARG A 358 7.73 2.51 -5.15
C ARG A 358 6.99 3.59 -4.37
N HIS A 359 7.53 3.99 -3.22
CA HIS A 359 6.94 5.06 -2.44
C HIS A 359 7.73 6.36 -2.53
N HIS A 360 9.04 6.29 -2.77
CA HIS A 360 9.90 7.47 -2.73
C HIS A 360 10.94 7.35 -3.83
N ASP A 361 10.99 8.33 -4.72
CA ASP A 361 12.02 8.35 -5.73
C ASP A 361 13.38 8.63 -5.08
N ASP A 362 14.41 7.94 -5.56
CA ASP A 362 15.76 8.01 -5.03
C ASP A 362 15.75 7.83 -3.51
N PRO A 363 15.23 6.71 -3.02
CA PRO A 363 14.90 6.61 -1.58
C PRO A 363 16.12 6.67 -0.67
N MET A 364 17.32 6.34 -1.14
CA MET A 364 18.48 6.37 -0.25
C MET A 364 19.05 7.78 -0.08
N THR A 365 18.58 8.74 -0.87
CA THR A 365 19.02 10.12 -0.75
C THR A 365 18.18 10.88 0.27
N VAL A 366 18.86 11.53 1.22
CA VAL A 366 18.17 12.48 2.09
C VAL A 366 17.96 13.75 1.28
N ASP A 367 16.70 14.14 1.12
CA ASP A 367 16.33 15.37 0.43
C ASP A 367 15.50 16.18 1.42
N LEU A 368 16.11 17.20 2.02
CA LEU A 368 15.43 17.90 3.10
C LEU A 368 14.15 18.58 2.63
N SER A 369 13.99 18.80 1.33
CA SER A 369 12.81 19.44 0.74
C SER A 369 11.74 18.45 0.31
N ARG A 370 11.97 17.15 0.47
CA ARG A 370 11.01 16.14 0.02
C ARG A 370 9.63 16.42 0.62
N ARG A 371 8.61 16.54 -0.24
CA ARG A 371 7.28 16.88 0.26
C ARG A 371 6.58 15.67 0.88
N ASP A 372 6.75 14.51 0.28
CA ASP A 372 6.13 13.26 0.74
C ASP A 372 7.20 12.48 1.50
N VAL A 373 7.09 12.41 2.83
CA VAL A 373 8.10 11.71 3.64
C VAL A 373 7.51 10.46 4.29
N THR A 374 6.41 9.94 3.75
CA THR A 374 5.67 8.91 4.48
C THR A 374 6.53 7.69 4.75
N HIS A 375 6.38 7.15 5.96
CA HIS A 375 7.25 6.06 6.39
C HIS A 375 6.56 5.34 7.55
N SER A 376 7.12 4.16 7.88
CA SER A 376 6.65 3.40 9.04
C SER A 376 7.74 3.27 10.11
N THR A 377 8.62 4.27 10.20
CA THR A 377 9.69 4.20 11.17
C THR A 377 9.15 4.19 12.59
N PHE A 378 8.00 4.86 12.80
CA PHE A 378 7.24 4.82 14.03
C PHE A 378 6.06 3.87 13.93
N ALA A 379 6.04 2.99 12.92
CA ALA A 379 4.90 2.13 12.61
C ALA A 379 3.66 2.96 12.27
N GLN A 380 2.48 2.34 12.36
CA GLN A 380 1.20 2.95 12.02
C GLN A 380 0.16 2.35 12.95
N GLY A 381 -1.06 2.88 12.90
CA GLY A 381 -2.14 2.26 13.60
C GLY A 381 -2.13 2.61 15.07
N PRO A 382 -2.85 1.83 15.88
CA PRO A 382 -3.00 2.18 17.30
C PRO A 382 -1.69 2.19 18.08
N HIS A 383 -0.69 1.41 17.66
CA HIS A 383 0.59 1.33 18.38
C HIS A 383 1.63 2.31 17.88
N ARG A 384 1.30 3.16 16.91
CA ARG A 384 2.26 4.14 16.39
C ARG A 384 2.99 4.84 17.52
N CYS A 385 4.30 4.90 17.41
CA CYS A 385 5.22 5.22 18.51
C CYS A 385 4.71 6.33 19.42
N ALA A 386 4.51 6.01 20.71
CA ALA A 386 4.11 7.04 21.66
C ALA A 386 5.23 8.01 21.96
N GLY A 387 6.48 7.61 21.70
CA GLY A 387 7.62 8.45 21.97
C GLY A 387 8.02 9.34 20.82
N MET A 388 7.25 9.39 19.74
CA MET A 388 7.72 10.06 18.52
C MET A 388 7.97 11.55 18.74
N HIS A 389 7.18 12.20 19.59
CA HIS A 389 7.42 13.63 19.82
C HIS A 389 8.75 13.83 20.52
N LEU A 390 9.05 12.98 21.49
CA LEU A 390 10.34 13.06 22.16
C LEU A 390 11.47 12.74 21.20
N ALA A 391 11.32 11.67 20.39
CA ALA A 391 12.36 11.32 19.42
C ALA A 391 12.66 12.49 18.49
N ARG A 392 11.61 13.12 17.94
CA ARG A 392 11.79 14.23 17.03
C ARG A 392 12.51 15.38 17.71
N LEU A 393 12.15 15.67 18.97
CA LEU A 393 12.75 16.80 19.66
C LEU A 393 14.22 16.55 19.97
N GLU A 394 14.56 15.34 20.44
CA GLU A 394 15.95 15.01 20.71
C GLU A 394 16.79 15.15 19.45
N VAL A 395 16.29 14.65 18.32
CA VAL A 395 17.08 14.75 17.09
C VAL A 395 17.22 16.19 16.66
N THR A 396 16.13 16.97 16.71
CA THR A 396 16.21 18.38 16.31
C THR A 396 17.21 19.13 17.17
N VAL A 397 17.12 18.97 18.49
CA VAL A 397 18.01 19.70 19.38
C VAL A 397 19.45 19.24 19.17
N MET A 398 19.66 17.93 19.01
CA MET A 398 20.99 17.41 18.75
C MET A 398 21.62 18.06 17.52
N LEU A 399 20.91 18.07 16.39
CA LEU A 399 21.47 18.68 15.18
C LEU A 399 21.72 20.17 15.37
N GLN A 400 20.81 20.86 16.04
CA GLN A 400 20.99 22.30 16.20
C GLN A 400 22.24 22.60 17.02
N GLU A 401 22.44 21.86 18.11
CA GLU A 401 23.58 22.13 18.98
C GLU A 401 24.88 21.58 18.38
N TRP A 402 24.81 20.44 17.69
CA TRP A 402 26.00 19.93 17.00
C TRP A 402 26.48 20.91 15.93
N LEU A 403 25.59 21.31 15.02
CA LEU A 403 26.03 22.16 13.91
C LEU A 403 26.49 23.53 14.40
N ALA A 404 25.95 24.00 15.52
CA ALA A 404 26.39 25.29 16.03
C ALA A 404 27.85 25.25 16.47
N ARG A 405 28.35 24.07 16.85
CA ARG A 405 29.69 23.96 17.44
C ARG A 405 30.66 23.16 16.59
N ILE A 406 30.17 22.26 15.76
CA ILE A 406 30.96 21.42 14.87
C ILE A 406 30.27 21.52 13.50
N PRO A 407 30.41 22.64 12.79
CA PRO A 407 29.58 22.85 11.60
C PRO A 407 29.93 21.97 10.42
N GLU A 408 31.18 21.50 10.33
CA GLU A 408 31.65 20.61 9.27
C GLU A 408 32.33 19.42 9.93
N PHE A 409 32.22 18.25 9.30
CA PHE A 409 32.81 17.03 9.86
C PHE A 409 32.75 15.91 8.84
N ARG A 410 33.60 14.90 9.05
CA ARG A 410 33.71 13.79 8.12
C ARG A 410 34.00 12.51 8.89
N LEU A 411 33.72 11.37 8.26
CA LEU A 411 34.13 10.09 8.80
C LEU A 411 35.62 9.89 8.56
N LYS A 412 36.33 9.43 9.58
CA LYS A 412 37.77 9.16 9.47
C LYS A 412 38.06 8.28 8.26
N ASP A 413 39.14 8.59 7.56
CA ASP A 413 39.46 7.87 6.33
C ASP A 413 39.64 6.39 6.61
N ARG A 414 39.02 5.56 5.76
CA ARG A 414 39.05 4.10 5.80
C ARG A 414 38.40 3.51 7.06
N ALA A 415 37.67 4.31 7.85
CA ALA A 415 36.96 3.75 8.99
C ALA A 415 35.84 2.82 8.52
N VAL A 416 35.58 1.79 9.30
CA VAL A 416 34.55 0.80 8.98
C VAL A 416 33.58 0.68 10.15
N PRO A 417 32.40 1.30 10.09
CA PRO A 417 31.42 1.05 11.14
C PRO A 417 31.02 -0.42 11.15
N ILE A 418 30.59 -0.88 12.32
CA ILE A 418 30.20 -2.26 12.55
C ILE A 418 28.69 -2.27 12.78
N TYR A 419 27.98 -3.16 12.08
CA TYR A 419 26.52 -3.16 12.06
C TYR A 419 25.96 -4.43 12.68
N HIS A 420 24.81 -4.29 13.35
CA HIS A 420 24.07 -5.40 13.90
C HIS A 420 22.61 -5.30 13.50
N SER A 421 21.99 -6.45 13.16
CA SER A 421 20.57 -6.47 12.83
C SER A 421 19.81 -7.30 13.87
N GLY A 422 18.50 -7.05 13.93
CA GLY A 422 17.68 -7.64 14.98
C GLY A 422 16.33 -6.95 15.01
N ILE A 423 15.67 -6.99 16.16
CA ILE A 423 14.40 -6.27 16.27
C ILE A 423 14.66 -4.76 16.28
N VAL A 424 15.78 -4.33 16.87
CA VAL A 424 16.27 -2.97 16.72
C VAL A 424 17.70 -3.03 16.20
N ALA A 425 17.97 -2.32 15.12
CA ALA A 425 19.30 -2.29 14.52
C ALA A 425 20.27 -1.47 15.39
N ALA A 426 21.56 -1.77 15.24
CA ALA A 426 22.60 -1.05 15.98
C ALA A 426 23.83 -0.84 15.10
N VAL A 427 24.59 0.19 15.43
CA VAL A 427 25.84 0.48 14.71
C VAL A 427 26.84 1.01 15.73
N GLU A 428 28.11 0.68 15.54
CA GLU A 428 29.14 1.23 16.40
C GLU A 428 30.38 1.52 15.56
N ASN A 429 31.37 2.17 16.20
CA ASN A 429 32.61 2.60 15.55
C ASN A 429 32.35 3.68 14.50
N ILE A 430 32.13 4.90 14.96
CA ILE A 430 31.84 6.05 14.11
C ILE A 430 32.87 7.15 14.40
N PRO A 431 34.12 6.99 13.99
CA PRO A 431 35.14 8.02 14.30
C PRO A 431 34.98 9.22 13.39
N LEU A 432 34.63 10.36 13.97
CA LEU A 432 34.45 11.59 13.21
C LEU A 432 35.67 12.51 13.38
N GLU A 433 35.88 13.37 12.38
CA GLU A 433 37.01 14.30 12.36
C GLU A 433 36.57 15.64 11.81
N TRP A 434 37.13 16.73 12.37
CA TRP A 434 36.82 18.06 11.88
C TRP A 434 37.95 19.01 12.26
N GLU A 435 37.93 20.18 11.64
CA GLU A 435 38.84 21.26 12.04
C GLU A 435 38.12 22.15 13.06
N PRO A 436 38.58 22.22 14.30
CA PRO A 436 37.84 22.99 15.32
C PRO A 436 37.64 24.43 14.88
N GLN A 437 36.46 24.96 15.16
CA GLN A 437 36.07 26.27 14.62
C GLN A 437 36.42 27.40 15.59
N LYS B 31 -14.32 24.93 -22.03
CA LYS B 31 -14.61 23.87 -21.07
C LYS B 31 -15.04 24.44 -19.72
N HIS B 32 -16.02 23.79 -19.11
CA HIS B 32 -16.51 24.22 -17.80
C HIS B 32 -15.44 24.05 -16.74
N ARG B 33 -15.30 25.05 -15.87
CA ARG B 33 -14.22 25.09 -14.89
C ARG B 33 -14.77 25.53 -13.54
N VAL B 34 -14.24 24.95 -12.47
CA VAL B 34 -14.56 25.39 -11.12
C VAL B 34 -13.29 25.89 -10.46
N ALA B 35 -13.44 26.85 -9.55
CA ALA B 35 -12.28 27.37 -8.82
C ALA B 35 -11.85 26.37 -7.75
N PRO B 36 -10.55 26.13 -7.61
CA PRO B 36 -10.10 25.16 -6.61
C PRO B 36 -10.46 25.62 -5.20
N PRO B 37 -10.70 24.69 -4.29
CA PRO B 37 -10.95 25.03 -2.90
C PRO B 37 -9.72 25.61 -2.25
N PRO B 38 -9.85 26.26 -1.10
CA PRO B 38 -8.70 26.91 -0.46
C PRO B 38 -7.55 25.96 -0.14
N HIS B 39 -7.80 24.69 0.18
CA HIS B 39 -6.73 23.81 0.62
C HIS B 39 -5.87 23.28 -0.52
N VAL B 40 -6.16 23.62 -1.77
CA VAL B 40 -5.39 23.14 -2.92
C VAL B 40 -4.33 24.19 -3.26
N PRO B 41 -3.04 23.89 -3.08
CA PRO B 41 -1.99 24.85 -3.46
C PRO B 41 -1.88 24.98 -4.97
N GLY B 42 -1.52 26.20 -5.41
CA GLY B 42 -1.50 26.48 -6.85
C GLY B 42 -0.61 25.55 -7.64
N HIS B 43 0.52 25.12 -7.05
CA HIS B 43 1.44 24.28 -7.80
C HIS B 43 0.92 22.86 -7.99
N LEU B 44 -0.21 22.48 -7.38
CA LEU B 44 -0.77 21.14 -7.62
C LEU B 44 -1.86 21.13 -8.68
N ILE B 45 -2.19 22.28 -9.28
CA ILE B 45 -3.26 22.32 -10.27
C ILE B 45 -2.74 21.79 -11.60
N ARG B 46 -3.51 20.89 -12.22
CA ARG B 46 -3.23 20.45 -13.58
C ARG B 46 -4.54 20.43 -14.34
N GLU B 47 -4.53 20.98 -15.56
CA GLU B 47 -5.74 21.07 -16.36
C GLU B 47 -5.91 19.74 -17.10
N ILE B 48 -6.58 18.79 -16.44
CA ILE B 48 -6.74 17.43 -16.96
C ILE B 48 -8.23 17.14 -17.07
N ASP B 49 -8.67 16.73 -18.26
CA ASP B 49 -10.08 16.45 -18.56
C ASP B 49 -10.21 14.96 -18.79
N ALA B 50 -10.71 14.25 -17.77
CA ALA B 50 -10.76 12.79 -17.84
C ALA B 50 -11.71 12.32 -18.94
N TYR B 51 -12.69 13.14 -19.33
CA TYR B 51 -13.61 12.77 -20.41
C TYR B 51 -13.10 13.17 -21.79
N ASP B 52 -11.95 13.83 -21.89
CA ASP B 52 -11.41 14.24 -23.17
C ASP B 52 -9.93 14.61 -23.00
N LEU B 53 -9.11 13.62 -22.71
CA LEU B 53 -7.72 13.85 -22.33
C LEU B 53 -6.92 14.50 -23.44
N ASP B 54 -5.98 15.37 -23.06
CA ASP B 54 -4.99 15.88 -24.00
CA ASP B 54 -5.00 15.88 -24.01
C ASP B 54 -4.19 14.73 -24.58
N GLY B 55 -4.10 14.69 -25.91
CA GLY B 55 -3.36 13.65 -26.58
C GLY B 55 -4.15 12.39 -26.83
N LEU B 56 -5.46 12.41 -26.55
CA LEU B 56 -6.28 11.21 -26.65
C LEU B 56 -6.26 10.62 -28.06
N GLU B 57 -6.11 11.46 -29.07
CA GLU B 57 -6.12 10.97 -30.45
C GLU B 57 -4.96 10.04 -30.76
N GLN B 58 -3.87 10.11 -30.00
CA GLN B 58 -2.77 9.18 -30.22
C GLN B 58 -2.92 7.91 -29.37
N GLY B 59 -3.95 7.82 -28.54
CA GLY B 59 -4.17 6.63 -27.74
C GLY B 59 -4.56 6.97 -26.32
N PHE B 60 -5.49 6.21 -25.76
CA PHE B 60 -5.95 6.45 -24.40
C PHE B 60 -4.84 6.22 -23.38
N HIS B 61 -4.13 5.09 -23.49
CA HIS B 61 -3.06 4.79 -22.54
C HIS B 61 -1.92 5.79 -22.68
N GLU B 62 -1.56 6.11 -23.91
CA GLU B 62 -0.56 7.14 -24.16
C GLU B 62 -0.97 8.47 -23.54
N ALA B 63 -2.26 8.84 -23.66
CA ALA B 63 -2.74 10.10 -23.09
C ALA B 63 -2.62 10.13 -21.57
N TRP B 64 -2.98 9.03 -20.88
CA TRP B 64 -2.81 9.04 -19.43
C TRP B 64 -1.34 9.08 -19.05
N LYS B 65 -0.49 8.43 -19.86
CA LYS B 65 0.94 8.40 -19.55
C LYS B 65 1.57 9.78 -19.62
N ARG B 66 1.02 10.68 -20.45
CA ARG B 66 1.44 12.08 -20.49
C ARG B 66 1.34 12.77 -19.14
N VAL B 67 0.34 12.39 -18.34
CA VAL B 67 0.10 13.00 -17.05
C VAL B 67 1.18 12.57 -16.06
N GLN B 68 1.75 11.40 -16.26
CA GLN B 68 2.68 10.79 -15.30
C GLN B 68 4.11 11.06 -15.72
N GLN B 69 4.54 12.31 -15.50
CA GLN B 69 5.91 12.72 -15.75
C GLN B 69 6.77 12.44 -14.53
N PRO B 70 8.11 12.39 -14.68
CA PRO B 70 8.96 12.00 -13.55
C PRO B 70 8.77 12.83 -12.29
N ASP B 71 8.52 14.13 -12.42
CA ASP B 71 8.39 15.00 -11.25
C ASP B 71 6.95 15.39 -10.95
N THR B 72 5.96 14.75 -11.58
CA THR B 72 4.57 15.06 -11.30
C THR B 72 4.22 14.71 -9.85
N PRO B 73 3.59 15.60 -9.10
CA PRO B 73 3.19 15.27 -7.74
C PRO B 73 2.25 14.08 -7.73
N PRO B 74 2.22 13.31 -6.63
CA PRO B 74 1.41 12.08 -6.61
C PRO B 74 -0.08 12.33 -6.65
N LEU B 75 -0.53 13.49 -6.17
CA LEU B 75 -1.92 13.90 -6.31
C LEU B 75 -1.95 15.28 -6.94
N VAL B 76 -2.68 15.44 -8.04
CA VAL B 76 -2.86 16.75 -8.65
C VAL B 76 -4.35 17.05 -8.73
N TRP B 77 -4.69 18.34 -8.78
CA TRP B 77 -6.08 18.77 -8.73
C TRP B 77 -6.48 19.40 -10.05
N THR B 78 -7.62 18.94 -10.62
CA THR B 78 -8.04 19.54 -11.86
C THR B 78 -9.32 20.34 -11.66
N PRO B 79 -9.48 21.47 -12.35
CA PRO B 79 -10.71 22.26 -12.20
C PRO B 79 -11.84 21.81 -13.11
N PHE B 80 -11.58 20.87 -14.01
CA PHE B 80 -12.57 20.30 -14.91
C PHE B 80 -13.39 19.23 -14.18
N THR B 81 -14.53 18.88 -14.80
CA THR B 81 -15.36 17.78 -14.31
C THR B 81 -15.76 17.99 -12.85
N GLY B 82 -16.07 19.24 -12.50
CA GLY B 82 -16.51 19.56 -11.16
C GLY B 82 -15.40 19.84 -10.17
N GLY B 83 -14.14 19.62 -10.56
CA GLY B 83 -13.03 19.80 -9.65
C GLY B 83 -12.77 18.56 -8.81
N HIS B 84 -11.62 17.93 -9.00
CA HIS B 84 -11.30 16.70 -8.27
C HIS B 84 -9.81 16.44 -8.32
N TRP B 85 -9.36 15.60 -7.39
CA TRP B 85 -7.98 15.11 -7.43
C TRP B 85 -7.83 13.99 -8.44
N ILE B 86 -6.58 13.79 -8.88
CA ILE B 86 -6.18 12.66 -9.69
C ILE B 86 -4.92 12.05 -9.06
N ALA B 87 -4.98 10.76 -8.73
CA ALA B 87 -3.79 10.06 -8.30
C ALA B 87 -2.94 9.71 -9.51
N THR B 88 -1.64 10.04 -9.45
CA THR B 88 -0.79 9.90 -10.63
C THR B 88 0.22 8.78 -10.52
N ARG B 89 0.21 8.02 -9.43
CA ARG B 89 1.20 6.97 -9.19
C ARG B 89 0.49 5.66 -8.87
N GLY B 90 1.02 4.55 -9.38
CA GLY B 90 0.41 3.26 -9.11
C GLY B 90 0.33 2.93 -7.64
N THR B 91 1.33 3.35 -6.87
CA THR B 91 1.31 3.07 -5.44
C THR B 91 0.11 3.66 -4.75
N LEU B 92 -0.26 4.90 -5.12
CA LEU B 92 -1.42 5.52 -4.49
C LEU B 92 -2.71 4.86 -4.95
N ILE B 93 -2.77 4.48 -6.23
CA ILE B 93 -3.98 3.84 -6.75
C ILE B 93 -4.25 2.54 -5.98
N ASP B 94 -3.21 1.72 -5.85
CA ASP B 94 -3.30 0.47 -5.11
C ASP B 94 -3.69 0.72 -3.65
N GLU B 95 -3.04 1.70 -3.03
CA GLU B 95 -3.28 1.99 -1.61
C GLU B 95 -4.69 2.52 -1.35
N ILE B 96 -5.18 3.38 -2.23
CA ILE B 96 -6.51 3.95 -2.04
C ILE B 96 -7.58 2.88 -2.18
N TYR B 97 -7.47 2.04 -3.23
CA TYR B 97 -8.45 0.96 -3.41
C TYR B 97 -8.48 0.01 -2.20
N ARG B 98 -7.32 -0.26 -1.60
CA ARG B 98 -7.22 -1.17 -0.47
C ARG B 98 -7.68 -0.55 0.86
N SER B 99 -8.07 0.72 0.89
CA SER B 99 -8.38 1.42 2.14
C SER B 99 -9.80 1.98 2.16
N PRO B 100 -10.81 1.12 2.12
CA PRO B 100 -12.18 1.62 2.08
C PRO B 100 -12.56 2.43 3.31
N GLU B 101 -11.91 2.20 4.44
CA GLU B 101 -12.24 2.93 5.65
C GLU B 101 -11.85 4.40 5.55
N ARG B 102 -10.83 4.73 4.76
CA ARG B 102 -10.43 6.11 4.57
C ARG B 102 -10.86 6.70 3.23
N PHE B 103 -11.14 5.86 2.24
CA PHE B 103 -11.52 6.31 0.90
C PHE B 103 -12.77 5.50 0.52
N SER B 104 -13.93 6.11 0.72
CA SER B 104 -15.24 5.46 0.63
C SER B 104 -15.73 5.34 -0.80
N SER B 105 -16.54 4.32 -1.03
CA SER B 105 -17.25 4.18 -2.29
C SER B 105 -18.59 4.92 -2.31
N ARG B 106 -18.83 5.79 -1.33
CA ARG B 106 -19.94 6.75 -1.29
C ARG B 106 -20.13 7.46 -2.64
N VAL B 107 -19.02 7.88 -3.26
CA VAL B 107 -19.02 8.47 -4.59
C VAL B 107 -17.85 7.84 -5.34
N ILE B 108 -18.11 7.25 -6.50
CA ILE B 108 -17.03 6.60 -7.26
C ILE B 108 -17.01 7.09 -8.70
N TRP B 109 -17.81 8.11 -9.01
CA TRP B 109 -17.86 8.70 -10.34
C TRP B 109 -17.45 10.16 -10.25
N VAL B 110 -16.84 10.67 -11.31
CA VAL B 110 -16.80 12.12 -11.51
C VAL B 110 -17.63 12.42 -12.75
N PRO B 111 -18.29 13.58 -12.82
CA PRO B 111 -18.34 14.57 -11.73
C PRO B 111 -19.16 14.13 -10.53
N ARG B 112 -19.04 14.86 -9.42
CA ARG B 112 -19.75 14.51 -8.20
C ARG B 112 -21.23 14.29 -8.43
N GLU B 113 -21.85 15.14 -9.26
CA GLU B 113 -23.28 15.01 -9.52
C GLU B 113 -23.62 13.67 -10.15
N ALA B 114 -22.79 13.22 -11.09
CA ALA B 114 -22.97 11.88 -11.64
C ALA B 114 -22.76 10.82 -10.56
N GLY B 115 -21.74 11.02 -9.72
CA GLY B 115 -21.44 10.05 -8.67
C GLY B 115 -22.53 9.96 -7.62
N GLU B 116 -23.26 11.05 -7.37
CA GLU B 116 -24.36 10.98 -6.43
C GLU B 116 -25.62 10.37 -7.03
N ALA B 117 -25.76 10.41 -8.35
CA ALA B 117 -26.88 9.78 -9.04
C ALA B 117 -26.64 8.30 -9.32
N TYR B 118 -25.39 7.86 -9.23
CA TYR B 118 -25.03 6.47 -9.49
C TYR B 118 -25.70 5.54 -8.49
N ASP B 119 -26.30 4.46 -8.99
CA ASP B 119 -27.09 3.58 -8.12
C ASP B 119 -26.93 2.15 -8.64
N MET B 120 -25.81 1.55 -8.28
CA MET B 120 -25.45 0.19 -8.63
C MET B 120 -24.92 -0.47 -7.38
N VAL B 121 -25.12 -1.78 -7.27
CA VAL B 121 -24.85 -2.55 -6.06
C VAL B 121 -23.96 -3.72 -6.45
N PRO B 122 -22.89 -4.01 -5.70
CA PRO B 122 -22.53 -3.36 -4.43
C PRO B 122 -21.43 -2.31 -4.56
N THR B 123 -21.20 -1.78 -5.78
CA THR B 123 -20.12 -0.82 -5.97
C THR B 123 -20.33 0.46 -5.18
N LYS B 124 -21.57 0.81 -4.85
CA LYS B 124 -21.82 1.98 -4.03
C LYS B 124 -21.68 1.72 -2.52
N LEU B 125 -21.45 0.48 -2.11
CA LEU B 125 -21.46 0.13 -0.70
C LEU B 125 -20.05 -0.04 -0.15
N ASP B 126 -19.88 0.34 1.09
CA ASP B 126 -18.66 0.00 1.81
C ASP B 126 -18.92 -1.20 2.71
N PRO B 127 -17.90 -1.95 3.08
CA PRO B 127 -18.06 -2.96 4.12
C PRO B 127 -18.50 -2.30 5.42
N PRO B 128 -19.41 -2.93 6.19
CA PRO B 128 -19.94 -4.29 6.04
C PRO B 128 -21.18 -4.44 5.14
N GLU B 129 -21.85 -3.34 4.75
CA GLU B 129 -23.03 -3.46 3.90
C GLU B 129 -22.69 -4.16 2.60
N HIS B 130 -21.46 -3.96 2.11
CA HIS B 130 -21.02 -4.52 0.84
C HIS B 130 -20.89 -6.04 0.89
N THR B 131 -20.51 -6.59 2.04
CA THR B 131 -20.06 -7.98 2.11
C THR B 131 -21.11 -9.02 1.69
N PRO B 132 -22.35 -8.99 2.19
CA PRO B 132 -23.30 -10.05 1.76
C PRO B 132 -23.67 -9.97 0.29
N TYR B 133 -23.67 -8.77 -0.29
CA TYR B 133 -23.93 -8.64 -1.73
C TYR B 133 -22.78 -9.13 -2.58
N ARG B 134 -21.53 -8.92 -2.15
CA ARG B 134 -20.42 -9.49 -2.89
C ARG B 134 -20.42 -11.01 -2.80
N LYS B 135 -20.75 -11.57 -1.62
CA LYS B 135 -20.88 -13.03 -1.54
C LYS B 135 -21.94 -13.55 -2.49
N ALA B 136 -23.07 -12.84 -2.63
CA ALA B 136 -24.09 -13.29 -3.59
C ALA B 136 -23.54 -13.33 -5.01
N ILE B 137 -22.84 -12.28 -5.43
CA ILE B 137 -22.29 -12.25 -6.78
C ILE B 137 -21.26 -13.34 -6.97
N ASP B 138 -20.45 -13.60 -5.94
CA ASP B 138 -19.40 -14.60 -6.05
C ASP B 138 -20.00 -16.00 -6.23
N LYS B 139 -21.23 -16.24 -5.77
CA LYS B 139 -21.83 -17.55 -5.99
C LYS B 139 -22.06 -17.80 -7.47
N GLY B 140 -22.26 -16.74 -8.26
CA GLY B 140 -22.42 -16.86 -9.69
C GLY B 140 -21.15 -16.74 -10.51
N LEU B 141 -20.17 -15.95 -10.06
CA LEU B 141 -19.03 -15.60 -10.89
C LEU B 141 -17.71 -16.19 -10.41
N ASN B 142 -17.72 -17.04 -9.38
CA ASN B 142 -16.47 -17.59 -8.89
C ASN B 142 -15.80 -18.49 -9.93
N LEU B 143 -14.50 -18.74 -9.73
CA LEU B 143 -13.70 -19.41 -10.75
C LEU B 143 -14.26 -20.78 -11.12
N ALA B 144 -14.73 -21.55 -10.13
CA ALA B 144 -15.30 -22.86 -10.44
C ALA B 144 -16.51 -22.73 -11.36
N GLU B 145 -17.37 -21.75 -11.09
CA GLU B 145 -18.53 -21.53 -11.95
C GLU B 145 -18.11 -21.10 -13.35
N ILE B 146 -17.11 -20.23 -13.46
CA ILE B 146 -16.71 -19.73 -14.76
C ILE B 146 -16.10 -20.85 -15.60
N ARG B 147 -15.36 -21.75 -14.95
CA ARG B 147 -14.69 -22.80 -15.70
C ARG B 147 -15.70 -23.66 -16.45
N LYS B 148 -16.92 -23.78 -15.91
CA LYS B 148 -17.96 -24.55 -16.58
C LYS B 148 -18.42 -23.92 -17.90
N LEU B 149 -18.11 -22.64 -18.14
CA LEU B 149 -18.58 -21.96 -19.33
C LEU B 149 -17.62 -22.07 -20.51
N GLU B 150 -16.48 -22.72 -20.33
CA GLU B 150 -15.41 -22.63 -21.34
C GLU B 150 -15.87 -23.13 -22.70
N ASP B 151 -16.55 -24.27 -22.75
CA ASP B 151 -16.94 -24.83 -24.05
C ASP B 151 -17.92 -23.92 -24.77
N GLN B 152 -18.92 -23.40 -24.05
CA GLN B 152 -19.88 -22.48 -24.65
C GLN B 152 -19.18 -21.23 -25.17
N ILE B 153 -18.23 -20.68 -24.39
CA ILE B 153 -17.54 -19.47 -24.84
C ILE B 153 -16.72 -19.75 -26.09
N ARG B 154 -16.04 -20.88 -26.14
CA ARG B 154 -15.28 -21.25 -27.34
C ARG B 154 -16.20 -21.36 -28.54
N THR B 155 -17.34 -22.02 -28.38
CA THR B 155 -18.24 -22.19 -29.50
C THR B 155 -18.73 -20.86 -30.03
N ILE B 156 -18.97 -19.90 -29.13
CA ILE B 156 -19.38 -18.55 -29.56
C ILE B 156 -18.25 -17.85 -30.29
N ALA B 157 -17.04 -17.88 -29.71
CA ALA B 157 -15.91 -17.23 -30.37
C ALA B 157 -15.71 -17.79 -31.77
N VAL B 158 -15.74 -19.12 -31.90
CA VAL B 158 -15.51 -19.76 -33.19
C VAL B 158 -16.60 -19.38 -34.18
N GLU B 159 -17.85 -19.41 -33.73
CA GLU B 159 -18.97 -19.04 -34.60
C GLU B 159 -18.73 -17.68 -35.24
N ILE B 160 -18.25 -16.70 -34.46
CA ILE B 160 -18.03 -15.36 -34.99
C ILE B 160 -16.80 -15.34 -35.89
N ILE B 161 -15.69 -15.90 -35.42
CA ILE B 161 -14.43 -15.81 -36.16
C ILE B 161 -14.54 -16.51 -37.51
N GLU B 162 -15.25 -17.65 -37.57
CA GLU B 162 -15.47 -18.31 -38.86
C GLU B 162 -16.16 -17.40 -39.86
N GLY B 163 -16.94 -16.43 -39.38
CA GLY B 163 -17.68 -15.54 -40.25
C GLY B 163 -16.84 -14.67 -41.15
N PHE B 164 -15.58 -14.36 -40.77
CA PHE B 164 -14.73 -13.50 -41.58
C PHE B 164 -13.31 -14.03 -41.76
N ALA B 165 -12.95 -15.17 -41.19
CA ALA B 165 -11.57 -15.64 -41.26
C ALA B 165 -11.11 -15.83 -42.70
N ASP B 166 -11.99 -16.32 -43.58
CA ASP B 166 -11.60 -16.54 -44.97
C ASP B 166 -11.59 -15.26 -45.80
N ARG B 167 -12.15 -14.18 -45.28
CA ARG B 167 -12.29 -12.92 -46.03
C ARG B 167 -10.98 -12.17 -46.14
N GLY B 168 -10.06 -12.38 -45.19
CA GLY B 168 -8.81 -11.64 -45.17
C GLY B 168 -8.88 -10.26 -44.58
N HIS B 169 -10.02 -9.86 -44.03
CA HIS B 169 -10.18 -8.53 -43.48
C HIS B 169 -11.46 -8.48 -42.66
N CYS B 170 -11.49 -7.55 -41.70
CA CYS B 170 -12.66 -7.27 -40.89
C CYS B 170 -12.44 -5.95 -40.16
N GLU B 171 -13.54 -5.31 -39.78
CA GLU B 171 -13.49 -4.22 -38.82
C GLU B 171 -13.68 -4.86 -37.45
N PHE B 172 -12.57 -5.02 -36.72
CA PHE B 172 -12.55 -5.82 -35.49
C PHE B 172 -13.55 -5.33 -34.45
N GLY B 173 -13.81 -4.02 -34.40
CA GLY B 173 -14.75 -3.48 -33.44
C GLY B 173 -16.17 -3.94 -33.66
N SER B 174 -16.77 -3.55 -34.80
CA SER B 174 -18.15 -3.93 -35.07
C SER B 174 -18.30 -5.43 -35.35
N GLU B 175 -17.25 -6.11 -35.82
CA GLU B 175 -17.41 -7.52 -36.18
C GLU B 175 -16.95 -8.48 -35.10
N PHE B 176 -16.17 -8.06 -34.10
CA PHE B 176 -15.83 -9.02 -33.06
C PHE B 176 -15.91 -8.45 -31.65
N SER B 177 -15.16 -7.38 -31.37
CA SER B 177 -15.00 -7.00 -29.96
C SER B 177 -16.31 -6.49 -29.37
N THR B 178 -17.17 -5.85 -30.16
CA THR B 178 -18.47 -5.45 -29.60
C THR B 178 -19.49 -6.56 -29.67
N VAL B 179 -19.14 -7.71 -30.22
CA VAL B 179 -20.06 -8.83 -30.41
C VAL B 179 -19.79 -9.95 -29.42
N PHE B 180 -18.55 -10.47 -29.41
CA PHE B 180 -18.23 -11.68 -28.65
C PHE B 180 -18.53 -11.57 -27.16
N PRO B 181 -18.00 -10.59 -26.42
CA PRO B 181 -18.27 -10.56 -24.96
C PRO B 181 -19.74 -10.35 -24.65
N VAL B 182 -20.45 -9.61 -25.49
CA VAL B 182 -21.88 -9.38 -25.23
C VAL B 182 -22.68 -10.65 -25.48
N ARG B 183 -22.34 -11.39 -26.55
CA ARG B 183 -22.97 -12.69 -26.80
C ARG B 183 -22.78 -13.62 -25.62
N VAL B 184 -21.54 -13.72 -25.14
CA VAL B 184 -21.23 -14.52 -23.95
C VAL B 184 -22.09 -14.10 -22.77
N PHE B 185 -22.07 -12.80 -22.44
CA PHE B 185 -22.72 -12.40 -21.20
C PHE B 185 -24.23 -12.56 -21.28
N LEU B 186 -24.84 -12.17 -22.39
CA LEU B 186 -26.30 -12.26 -22.46
C LEU B 186 -26.76 -13.72 -22.51
N ALA B 187 -25.97 -14.61 -23.11
CA ALA B 187 -26.27 -16.03 -23.01
C ALA B 187 -26.20 -16.50 -21.57
N LEU B 188 -25.13 -16.12 -20.85
CA LEU B 188 -24.97 -16.49 -19.45
C LEU B 188 -26.10 -15.93 -18.59
N ALA B 189 -26.51 -14.70 -18.86
CA ALA B 189 -27.60 -14.09 -18.11
C ALA B 189 -28.97 -14.54 -18.62
N GLY B 190 -29.02 -15.35 -19.66
CA GLY B 190 -30.31 -15.78 -20.22
C GLY B 190 -31.17 -14.64 -20.74
N LEU B 191 -30.55 -13.67 -21.42
CA LEU B 191 -31.27 -12.50 -21.93
C LEU B 191 -31.19 -12.43 -23.45
N PRO B 192 -32.14 -11.77 -24.10
CA PRO B 192 -32.12 -11.69 -25.57
C PRO B 192 -30.92 -10.90 -26.09
N VAL B 193 -30.20 -11.50 -27.04
CA VAL B 193 -29.08 -10.83 -27.69
C VAL B 193 -29.54 -9.57 -28.40
N GLU B 194 -30.80 -9.54 -28.86
CA GLU B 194 -31.33 -8.36 -29.52
C GLU B 194 -31.32 -7.13 -28.62
N ASP B 195 -31.22 -7.33 -27.30
CA ASP B 195 -31.16 -6.22 -26.36
C ASP B 195 -29.78 -5.56 -26.29
N ALA B 196 -28.78 -6.11 -26.98
CA ALA B 196 -27.42 -5.61 -26.88
C ALA B 196 -27.34 -4.13 -27.26
N THR B 197 -28.01 -3.75 -28.35
CA THR B 197 -27.92 -2.37 -28.83
C THR B 197 -28.48 -1.39 -27.81
N LYS B 198 -29.71 -1.63 -27.35
CA LYS B 198 -30.34 -0.76 -26.36
C LYS B 198 -29.50 -0.69 -25.08
N LEU B 199 -28.97 -1.82 -24.64
CA LEU B 199 -28.21 -1.80 -23.39
C LEU B 199 -26.86 -1.10 -23.57
N GLY B 200 -26.24 -1.27 -24.73
CA GLY B 200 -25.00 -0.56 -25.00
C GLY B 200 -25.15 0.94 -24.95
N LEU B 201 -26.27 1.46 -25.45
CA LEU B 201 -26.52 2.90 -25.39
C LEU B 201 -26.70 3.39 -23.96
N LEU B 202 -27.40 2.62 -23.13
CA LEU B 202 -27.51 2.96 -21.71
C LEU B 202 -26.14 2.94 -21.06
N ALA B 203 -25.32 1.94 -21.43
CA ALA B 203 -24.01 1.79 -20.79
C ALA B 203 -23.08 2.92 -21.19
N ASN B 204 -23.12 3.33 -22.47
CA ASN B 204 -22.33 4.48 -22.92
C ASN B 204 -22.63 5.72 -22.10
N GLU B 205 -23.90 5.95 -21.76
CA GLU B 205 -24.25 7.12 -20.98
C GLU B 205 -23.93 6.96 -19.50
N MET B 206 -23.70 5.73 -19.03
CA MET B 206 -23.18 5.53 -17.67
C MET B 206 -21.71 5.91 -17.60
N THR B 207 -20.91 5.37 -18.50
CA THR B 207 -19.46 5.43 -18.39
C THR B 207 -18.85 6.62 -19.10
N ARG B 208 -19.48 7.13 -20.15
CA ARG B 208 -19.02 8.34 -20.81
C ARG B 208 -20.21 9.28 -21.00
N PRO B 209 -20.75 9.82 -19.90
CA PRO B 209 -22.02 10.55 -20.01
C PRO B 209 -21.89 11.82 -20.83
N SER B 210 -22.96 12.14 -21.57
CA SER B 210 -23.01 13.33 -22.39
C SER B 210 -23.19 14.58 -21.53
N GLY B 211 -22.60 15.69 -21.99
CA GLY B 211 -22.76 16.95 -21.29
C GLY B 211 -21.54 17.83 -21.31
N ASN B 212 -21.76 19.14 -21.41
CA ASN B 212 -20.70 20.14 -21.35
C ASN B 212 -20.45 20.63 -19.93
N THR B 213 -21.17 20.08 -18.95
CA THR B 213 -21.37 20.71 -17.66
C THR B 213 -21.58 19.64 -16.59
N PRO B 214 -21.06 19.84 -15.36
CA PRO B 214 -21.23 18.81 -14.32
C PRO B 214 -22.67 18.37 -14.09
N GLU B 215 -23.64 19.29 -14.12
CA GLU B 215 -25.01 18.83 -13.91
C GLU B 215 -25.64 18.30 -15.21
N GLU B 216 -25.13 18.72 -16.37
CA GLU B 216 -25.52 18.06 -17.61
C GLU B 216 -25.09 16.60 -17.60
N GLN B 217 -23.85 16.35 -17.17
CA GLN B 217 -23.37 14.96 -17.11
C GLN B 217 -24.08 14.17 -16.03
N GLY B 218 -24.34 14.81 -14.89
CA GLY B 218 -25.10 14.15 -13.85
C GLY B 218 -26.50 13.75 -14.30
N ARG B 219 -27.13 14.57 -15.14
CA ARG B 219 -28.45 14.23 -15.66
C ARG B 219 -28.38 13.10 -16.67
N SER B 220 -27.34 13.08 -17.51
CA SER B 220 -27.15 11.97 -18.45
C SER B 220 -27.00 10.64 -17.70
N LEU B 221 -26.18 10.63 -16.64
CA LEU B 221 -26.00 9.42 -15.84
C LEU B 221 -27.30 9.03 -15.17
N GLU B 222 -27.98 10.00 -14.56
CA GLU B 222 -29.24 9.71 -13.87
C GLU B 222 -30.26 9.09 -14.82
N ALA B 223 -30.33 9.59 -16.05
CA ALA B 223 -31.26 9.05 -17.03
C ALA B 223 -30.88 7.64 -17.43
N ALA B 224 -29.59 7.37 -17.61
CA ALA B 224 -29.15 6.03 -18.01
C ALA B 224 -29.35 5.02 -16.89
N ASN B 225 -29.10 5.43 -15.64
CA ASN B 225 -29.34 4.56 -14.51
C ASN B 225 -30.82 4.26 -14.34
N LYS B 226 -31.68 5.23 -14.65
CA LYS B 226 -33.11 4.99 -14.68
C LYS B 226 -33.47 4.00 -15.78
N GLY B 227 -32.87 4.15 -16.96
CA GLY B 227 -33.12 3.21 -18.04
C GLY B 227 -32.72 1.79 -17.69
N PHE B 228 -31.62 1.61 -16.96
CA PHE B 228 -31.23 0.28 -16.52
C PHE B 228 -32.26 -0.29 -15.56
N PHE B 229 -32.69 0.52 -14.60
CA PHE B 229 -33.65 0.05 -13.61
C PHE B 229 -34.98 -0.34 -14.27
N GLU B 230 -35.34 0.35 -15.35
CA GLU B 230 -36.57 0.02 -16.06
C GLU B 230 -36.41 -1.27 -16.85
N TYR B 231 -35.22 -1.51 -17.39
CA TYR B 231 -34.97 -2.76 -18.09
C TYR B 231 -34.94 -3.96 -17.13
N VAL B 232 -34.35 -3.80 -15.95
CA VAL B 232 -34.17 -4.96 -15.08
C VAL B 232 -35.37 -5.23 -14.19
N ALA B 233 -36.24 -4.25 -13.97
CA ALA B 233 -37.40 -4.48 -13.11
C ALA B 233 -38.25 -5.68 -13.53
N PRO B 234 -38.66 -5.83 -14.81
CA PRO B 234 -39.45 -7.03 -15.16
C PRO B 234 -38.66 -8.32 -15.06
N ILE B 235 -37.35 -8.28 -15.30
CA ILE B 235 -36.53 -9.48 -15.19
C ILE B 235 -36.52 -9.97 -13.74
N ILE B 236 -36.27 -9.05 -12.80
CA ILE B 236 -36.28 -9.40 -11.39
C ILE B 236 -37.63 -10.01 -11.00
N ALA B 237 -38.72 -9.37 -11.44
CA ALA B 237 -40.05 -9.86 -11.11
C ALA B 237 -40.26 -11.27 -11.64
N ALA B 238 -39.77 -11.55 -12.85
CA ALA B 238 -39.95 -12.86 -13.48
C ALA B 238 -39.04 -13.94 -12.90
N ARG B 239 -37.97 -13.58 -12.19
CA ARG B 239 -37.01 -14.57 -11.75
C ARG B 239 -36.80 -14.63 -10.25
N ARG B 240 -37.40 -13.73 -9.48
CA ARG B 240 -37.43 -13.87 -8.03
C ARG B 240 -37.98 -15.23 -7.65
N GLY B 241 -37.19 -16.00 -6.89
CA GLY B 241 -37.60 -17.32 -6.50
C GLY B 241 -37.76 -18.29 -7.64
N GLY B 242 -37.25 -17.95 -8.82
CA GLY B 242 -37.38 -18.82 -9.96
C GLY B 242 -36.48 -20.04 -9.86
N SER B 243 -36.70 -20.96 -10.80
CA SER B 243 -35.91 -22.17 -10.91
C SER B 243 -34.92 -22.10 -12.07
N GLY B 244 -34.79 -20.94 -12.71
CA GLY B 244 -33.81 -20.79 -13.77
C GLY B 244 -32.40 -21.07 -13.28
N THR B 245 -31.54 -21.47 -14.23
CA THR B 245 -30.13 -21.67 -13.96
C THR B 245 -29.24 -20.59 -14.58
N ASP B 246 -29.84 -19.52 -15.11
CA ASP B 246 -29.09 -18.38 -15.61
C ASP B 246 -28.42 -17.65 -14.45
N LEU B 247 -27.49 -16.76 -14.82
CA LEU B 247 -26.69 -16.06 -13.82
C LEU B 247 -27.54 -15.15 -12.94
N ILE B 248 -28.53 -14.48 -13.54
CA ILE B 248 -29.35 -13.55 -12.76
C ILE B 248 -30.14 -14.29 -11.70
N THR B 249 -30.81 -15.38 -12.09
CA THR B 249 -31.57 -16.15 -11.10
C THR B 249 -30.68 -16.64 -9.99
N ARG B 250 -29.47 -17.10 -10.33
CA ARG B 250 -28.61 -17.70 -9.31
C ARG B 250 -28.16 -16.65 -8.29
N ILE B 251 -27.83 -15.45 -8.74
CA ILE B 251 -27.39 -14.41 -7.80
C ILE B 251 -28.57 -13.76 -7.10
N LEU B 252 -29.64 -13.47 -7.84
CA LEU B 252 -30.77 -12.73 -7.29
C LEU B 252 -31.39 -13.45 -6.10
N ASN B 253 -31.34 -14.79 -6.08
CA ASN B 253 -32.02 -15.57 -5.05
C ASN B 253 -31.11 -15.99 -3.91
N VAL B 254 -29.89 -15.46 -3.84
CA VAL B 254 -29.07 -15.62 -2.65
C VAL B 254 -29.64 -14.76 -1.53
N GLU B 255 -29.79 -15.34 -0.35
CA GLU B 255 -30.37 -14.59 0.76
C GLU B 255 -29.38 -13.57 1.31
N ILE B 256 -29.91 -12.42 1.73
CA ILE B 256 -29.14 -11.39 2.42
C ILE B 256 -29.71 -11.31 3.83
N ASP B 257 -28.85 -11.54 4.83
CA ASP B 257 -29.27 -11.58 6.23
C ASP B 257 -30.43 -12.56 6.42
N GLY B 258 -30.33 -13.70 5.73
CA GLY B 258 -31.32 -14.76 5.84
C GLY B 258 -32.70 -14.43 5.30
N LYS B 259 -32.80 -13.49 4.37
CA LYS B 259 -34.10 -13.10 3.81
C LYS B 259 -33.89 -12.74 2.34
N PRO B 260 -34.96 -12.77 1.53
CA PRO B 260 -34.84 -12.31 0.14
C PRO B 260 -34.26 -10.91 0.08
N MET B 261 -33.46 -10.65 -0.94
CA MET B 261 -32.79 -9.38 -1.01
C MET B 261 -33.78 -8.27 -1.39
N PRO B 262 -33.63 -7.07 -0.84
CA PRO B 262 -34.60 -5.99 -1.09
C PRO B 262 -34.67 -5.63 -2.57
N ASP B 263 -35.82 -5.03 -2.94
CA ASP B 263 -36.03 -4.68 -4.34
C ASP B 263 -35.11 -3.57 -4.80
N ASP B 264 -34.83 -2.58 -3.93
CA ASP B 264 -33.94 -1.51 -4.36
C ASP B 264 -32.52 -2.04 -4.57
N ARG B 265 -32.04 -2.90 -3.68
CA ARG B 265 -30.74 -3.53 -3.88
C ARG B 265 -30.73 -4.40 -5.12
N ALA B 266 -31.81 -5.16 -5.36
CA ALA B 266 -31.85 -6.05 -6.51
C ALA B 266 -31.78 -5.28 -7.82
N LEU B 267 -32.45 -4.12 -7.90
CA LEU B 267 -32.39 -3.31 -9.11
C LEU B 267 -30.95 -2.92 -9.42
N GLY B 268 -30.23 -2.44 -8.40
CA GLY B 268 -28.87 -2.00 -8.60
C GLY B 268 -27.92 -3.15 -8.87
N LEU B 269 -28.18 -4.32 -8.29
CA LEU B 269 -27.29 -5.45 -8.47
C LEU B 269 -27.38 -6.00 -9.89
N VAL B 270 -28.59 -6.24 -10.37
CA VAL B 270 -28.72 -6.77 -11.72
C VAL B 270 -28.23 -5.76 -12.74
N SER B 271 -28.50 -4.48 -12.50
CA SER B 271 -28.01 -3.45 -13.41
C SER B 271 -26.48 -3.47 -13.48
N LEU B 272 -25.81 -3.63 -12.33
CA LEU B 272 -24.34 -3.63 -12.34
C LEU B 272 -23.80 -4.80 -13.13
N LEU B 273 -24.43 -5.98 -13.00
CA LEU B 273 -23.97 -7.12 -13.77
C LEU B 273 -24.06 -6.85 -15.26
N LEU B 274 -25.16 -6.23 -15.71
CA LEU B 274 -25.26 -5.89 -17.13
C LEU B 274 -24.15 -4.93 -17.53
N LEU B 275 -23.90 -3.91 -16.72
CA LEU B 275 -22.87 -2.93 -17.04
C LEU B 275 -21.51 -3.61 -17.14
N GLY B 276 -21.18 -4.46 -16.16
CA GLY B 276 -19.91 -5.18 -16.20
C GLY B 276 -19.76 -6.04 -17.43
N GLY B 277 -20.84 -6.73 -17.83
CA GLY B 277 -20.74 -7.62 -18.97
C GLY B 277 -20.72 -6.95 -20.32
N LEU B 278 -21.13 -5.68 -20.41
CA LEU B 278 -21.26 -5.02 -21.69
C LEU B 278 -20.19 -3.96 -21.96
N GLU B 279 -19.54 -3.43 -20.93
CA GLU B 279 -18.71 -2.25 -21.08
C GLU B 279 -17.30 -2.47 -20.56
N THR B 280 -16.83 -3.70 -20.48
CA THR B 280 -15.49 -3.96 -19.95
C THR B 280 -14.65 -4.69 -20.98
N VAL B 281 -14.93 -5.97 -21.21
CA VAL B 281 -14.12 -6.76 -22.14
C VAL B 281 -14.20 -6.21 -23.55
N VAL B 282 -15.37 -5.69 -23.95
CA VAL B 282 -15.53 -5.09 -25.28
C VAL B 282 -14.43 -4.07 -25.53
N ASN B 283 -14.25 -3.14 -24.60
CA ASN B 283 -13.26 -2.09 -24.80
C ASN B 283 -11.85 -2.63 -24.66
N PHE B 284 -11.61 -3.48 -23.66
CA PHE B 284 -10.30 -4.10 -23.48
C PHE B 284 -9.80 -4.75 -24.76
N LEU B 285 -10.64 -5.58 -25.38
CA LEU B 285 -10.21 -6.31 -26.57
C LEU B 285 -9.77 -5.36 -27.68
N GLY B 286 -10.46 -4.23 -27.83
CA GLY B 286 -10.08 -3.30 -28.88
C GLY B 286 -8.68 -2.74 -28.69
N PHE B 287 -8.39 -2.30 -27.47
CA PHE B 287 -7.04 -1.79 -27.19
C PHE B 287 -6.00 -2.88 -27.36
N MET B 288 -6.29 -4.09 -26.86
CA MET B 288 -5.34 -5.19 -26.98
C MET B 288 -5.05 -5.53 -28.44
N MET B 289 -6.09 -5.56 -29.27
CA MET B 289 -5.91 -5.98 -30.66
C MET B 289 -5.14 -4.92 -31.46
N ILE B 290 -5.41 -3.64 -31.20
CA ILE B 290 -4.63 -2.59 -31.85
C ILE B 290 -3.15 -2.80 -31.60
N TYR B 291 -2.78 -3.08 -30.35
CA TYR B 291 -1.38 -3.36 -30.04
C TYR B 291 -0.88 -4.59 -30.78
N LEU B 292 -1.60 -5.71 -30.68
CA LEU B 292 -1.10 -6.94 -31.28
C LEU B 292 -0.95 -6.81 -32.78
N SER B 293 -1.83 -6.04 -33.41
CA SER B 293 -1.78 -5.83 -34.85
C SER B 293 -0.54 -5.07 -35.27
N ARG B 294 0.09 -4.34 -34.35
CA ARG B 294 1.31 -3.59 -34.60
C ARG B 294 2.56 -4.31 -34.12
N HIS B 295 2.43 -5.49 -33.53
CA HIS B 295 3.54 -6.21 -32.92
C HIS B 295 3.53 -7.66 -33.36
N PRO B 296 3.82 -7.93 -34.63
CA PRO B 296 3.73 -9.31 -35.14
C PRO B 296 4.66 -10.29 -34.46
N GLU B 297 5.81 -9.83 -33.93
CA GLU B 297 6.69 -10.75 -33.25
C GLU B 297 6.05 -11.25 -31.95
N THR B 298 5.26 -10.42 -31.29
CA THR B 298 4.57 -10.86 -30.08
C THR B 298 3.44 -11.82 -30.42
N VAL B 299 2.67 -11.51 -31.45
CA VAL B 299 1.65 -12.43 -31.94
C VAL B 299 2.27 -13.78 -32.29
N ALA B 300 3.44 -13.76 -32.93
CA ALA B 300 4.08 -14.99 -33.35
C ALA B 300 4.49 -15.85 -32.16
N GLU B 301 5.03 -15.23 -31.11
CA GLU B 301 5.34 -15.98 -29.90
C GLU B 301 4.09 -16.61 -29.30
N MET B 302 2.97 -15.87 -29.30
CA MET B 302 1.73 -16.43 -28.78
C MET B 302 1.27 -17.62 -29.61
N ARG B 303 1.38 -17.51 -30.93
CA ARG B 303 0.90 -18.54 -31.84
C ARG B 303 1.76 -19.79 -31.75
N ARG B 304 3.07 -19.64 -31.56
CA ARG B 304 3.98 -20.78 -31.53
C ARG B 304 4.04 -21.50 -30.20
N GLU B 305 3.71 -20.83 -29.09
CA GLU B 305 3.85 -21.43 -27.76
C GLU B 305 2.57 -21.26 -26.96
N PRO B 306 1.70 -22.27 -26.94
CA PRO B 306 0.43 -22.15 -26.22
C PRO B 306 0.58 -21.76 -24.76
N LEU B 307 1.63 -22.22 -24.09
CA LEU B 307 1.80 -21.86 -22.68
C LEU B 307 2.17 -20.39 -22.51
N LYS B 308 2.91 -19.82 -23.47
CA LYS B 308 3.20 -18.40 -23.38
C LYS B 308 1.92 -17.57 -23.59
N LEU B 309 1.02 -18.05 -24.44
CA LEU B 309 -0.28 -17.39 -24.57
C LEU B 309 -1.03 -17.40 -23.25
N GLN B 310 -1.28 -18.59 -22.70
CA GLN B 310 -2.10 -18.71 -21.49
C GLN B 310 -1.49 -17.92 -20.33
N ARG B 311 -0.18 -18.08 -20.12
CA ARG B 311 0.50 -17.42 -19.02
C ARG B 311 0.69 -15.93 -19.29
N GLY B 312 0.56 -15.49 -20.54
CA GLY B 312 0.71 -14.09 -20.89
C GLY B 312 -0.54 -13.25 -20.80
N VAL B 313 -1.71 -13.84 -20.59
CA VAL B 313 -2.93 -13.04 -20.57
C VAL B 313 -2.92 -12.00 -19.45
N GLU B 314 -2.32 -12.32 -18.30
CA GLU B 314 -2.32 -11.33 -17.24
C GLU B 314 -1.49 -10.10 -17.61
N GLU B 315 -0.42 -10.30 -18.39
CA GLU B 315 0.40 -9.19 -18.88
C GLU B 315 -0.39 -8.30 -19.83
N LEU B 316 -1.35 -8.87 -20.56
CA LEU B 316 -2.24 -8.04 -21.35
C LEU B 316 -3.13 -7.19 -20.46
N PHE B 317 -3.63 -7.77 -19.36
CA PHE B 317 -4.47 -7.00 -18.45
C PHE B 317 -3.66 -5.90 -17.77
N ARG B 318 -2.38 -6.16 -17.47
CA ARG B 318 -1.52 -5.09 -16.94
C ARG B 318 -1.43 -3.93 -17.92
N ARG B 319 -1.28 -4.24 -19.21
CA ARG B 319 -0.95 -3.24 -20.23
C ARG B 319 -2.18 -2.47 -20.71
N PHE B 320 -3.38 -3.05 -20.66
CA PHE B 320 -4.53 -2.39 -21.29
C PHE B 320 -5.67 -2.11 -20.33
N ALA B 321 -5.38 -1.42 -19.23
CA ALA B 321 -6.43 -1.00 -18.31
C ALA B 321 -7.44 -0.09 -19.01
N VAL B 322 -8.69 -0.13 -18.54
CA VAL B 322 -9.70 0.73 -19.17
C VAL B 322 -10.52 1.56 -18.18
N VAL B 323 -10.44 1.27 -16.88
CA VAL B 323 -11.33 1.93 -15.93
C VAL B 323 -10.59 3.09 -15.25
N SER B 324 -11.29 4.22 -15.06
CA SER B 324 -10.77 5.32 -14.26
C SER B 324 -11.94 5.77 -13.39
N ASP B 325 -12.04 5.28 -12.14
CA ASP B 325 -13.12 5.76 -11.30
C ASP B 325 -12.54 6.35 -10.01
N ALA B 326 -13.41 6.62 -9.04
CA ALA B 326 -13.05 7.52 -7.97
C ALA B 326 -13.35 6.91 -6.60
N ARG B 327 -12.86 7.60 -5.58
CA ARG B 327 -13.20 7.36 -4.19
C ARG B 327 -13.39 8.69 -3.49
N TYR B 328 -14.04 8.62 -2.34
CA TYR B 328 -14.49 9.78 -1.56
C TYR B 328 -13.66 9.85 -0.27
N VAL B 329 -13.03 11.00 -0.03
CA VAL B 329 -12.20 11.14 1.17
C VAL B 329 -13.10 11.21 2.40
N VAL B 330 -12.96 10.23 3.29
CA VAL B 330 -13.87 10.10 4.44
C VAL B 330 -13.60 11.19 5.48
N SER B 331 -12.33 11.49 5.75
CA SER B 331 -12.00 12.48 6.77
C SER B 331 -10.87 13.38 6.28
N ASP B 332 -10.82 14.59 6.84
CA ASP B 332 -9.65 15.44 6.65
C ASP B 332 -8.39 14.66 6.98
N MET B 333 -7.37 14.77 6.14
CA MET B 333 -6.18 13.93 6.33
C MET B 333 -5.04 14.50 5.51
N GLU B 334 -3.83 14.05 5.83
CA GLU B 334 -2.70 14.25 4.94
C GLU B 334 -2.32 12.91 4.35
N PHE B 335 -2.17 12.86 3.03
CA PHE B 335 -1.95 11.62 2.31
C PHE B 335 -0.82 11.87 1.32
N HIS B 336 0.30 11.16 1.48
CA HIS B 336 1.45 11.32 0.60
C HIS B 336 1.81 12.79 0.42
N GLY B 337 1.91 13.50 1.55
CA GLY B 337 2.32 14.87 1.54
C GLY B 337 1.28 15.86 1.06
N THR B 338 0.03 15.44 0.90
CA THR B 338 -1.02 16.22 0.27
C THR B 338 -2.17 16.39 1.25
N MET B 339 -2.60 17.63 1.45
CA MET B 339 -3.71 17.91 2.35
C MET B 339 -5.03 17.64 1.64
N LEU B 340 -5.84 16.77 2.21
CA LEU B 340 -7.14 16.42 1.65
C LEU B 340 -8.24 16.77 2.64
N LYS B 341 -9.41 17.14 2.11
CA LYS B 341 -10.55 17.43 2.96
C LYS B 341 -11.64 16.37 2.77
N GLU B 342 -12.33 16.08 3.86
CA GLU B 342 -13.53 15.25 3.81
C GLU B 342 -14.44 15.68 2.67
N GLY B 343 -14.86 14.71 1.85
CA GLY B 343 -15.69 15.00 0.71
C GLY B 343 -14.94 15.19 -0.60
N ASP B 344 -13.63 15.41 -0.56
CA ASP B 344 -12.84 15.46 -1.78
C ASP B 344 -13.00 14.15 -2.55
N LEU B 345 -12.99 14.25 -3.88
CA LEU B 345 -13.00 13.07 -4.73
C LEU B 345 -11.62 12.88 -5.33
N ILE B 346 -11.18 11.63 -5.43
CA ILE B 346 -9.90 11.30 -6.04
C ILE B 346 -10.18 10.33 -7.19
N LEU B 347 -9.79 10.73 -8.39
CA LEU B 347 -9.89 9.85 -9.56
C LEU B 347 -8.70 8.92 -9.59
N LEU B 348 -8.96 7.64 -9.91
CA LEU B 348 -7.96 6.58 -9.94
C LEU B 348 -7.86 6.04 -11.36
N PRO B 349 -6.97 6.57 -12.17
CA PRO B 349 -6.84 6.04 -13.53
C PRO B 349 -6.02 4.76 -13.49
N THR B 350 -6.70 3.61 -13.59
CA THR B 350 -6.02 2.36 -13.29
C THR B 350 -4.84 2.10 -14.23
N ALA B 351 -4.82 2.72 -15.42
CA ALA B 351 -3.68 2.54 -16.31
C ALA B 351 -2.38 3.03 -15.67
N LEU B 352 -2.48 3.98 -14.74
CA LEU B 352 -1.26 4.55 -14.17
C LEU B 352 -0.65 3.66 -13.08
N HIS B 353 -1.21 2.50 -12.79
CA HIS B 353 -0.48 1.50 -12.00
C HIS B 353 0.27 0.55 -12.94
N GLY B 354 -0.46 -0.16 -13.79
CA GLY B 354 0.16 -1.09 -14.71
C GLY B 354 1.24 -0.46 -15.60
N LEU B 355 1.09 0.82 -15.96
CA LEU B 355 2.07 1.48 -16.82
C LEU B 355 3.08 2.36 -16.06
N ASP B 356 3.08 2.31 -14.74
CA ASP B 356 3.99 3.12 -13.92
C ASP B 356 5.39 2.51 -14.02
N ASP B 357 6.36 3.27 -14.53
CA ASP B 357 7.68 2.65 -14.65
C ASP B 357 8.39 2.49 -13.30
N ARG B 358 7.83 3.01 -12.22
CA ARG B 358 8.33 2.62 -10.89
C ARG B 358 7.95 1.19 -10.54
N HIS B 359 6.97 0.64 -11.23
CA HIS B 359 6.49 -0.71 -10.96
C HIS B 359 6.89 -1.71 -12.03
N HIS B 360 7.11 -1.25 -13.25
CA HIS B 360 7.40 -2.12 -14.38
C HIS B 360 8.39 -1.45 -15.32
N ASP B 361 9.50 -2.13 -15.59
CA ASP B 361 10.41 -1.67 -16.64
C ASP B 361 9.75 -1.75 -18.01
N ASP B 362 10.05 -0.78 -18.87
CA ASP B 362 9.50 -0.67 -20.22
C ASP B 362 7.99 -0.92 -20.19
N PRO B 363 7.23 -0.14 -19.42
CA PRO B 363 5.83 -0.53 -19.14
C PRO B 363 4.94 -0.58 -20.37
N MET B 364 5.25 0.16 -21.44
CA MET B 364 4.41 0.12 -22.63
C MET B 364 4.64 -1.11 -23.49
N THR B 365 5.64 -1.92 -23.19
CA THR B 365 5.92 -3.15 -23.94
C THR B 365 5.20 -4.32 -23.31
N VAL B 366 4.50 -5.09 -24.13
CA VAL B 366 3.98 -6.38 -23.70
C VAL B 366 5.13 -7.38 -23.71
N ASP B 367 5.49 -7.89 -22.54
CA ASP B 367 6.49 -8.95 -22.43
C ASP B 367 5.75 -10.17 -21.88
N LEU B 368 5.47 -11.13 -22.76
CA LEU B 368 4.72 -12.31 -22.36
C LEU B 368 5.40 -13.05 -21.21
N SER B 369 6.72 -12.93 -21.10
CA SER B 369 7.48 -13.58 -20.05
C SER B 369 7.77 -12.68 -18.85
N ARG B 370 7.19 -11.49 -18.81
CA ARG B 370 7.40 -10.59 -17.68
C ARG B 370 7.11 -11.31 -16.35
N ARG B 371 8.07 -11.22 -15.41
CA ARG B 371 8.01 -11.97 -14.16
C ARG B 371 6.96 -11.44 -13.21
N ASP B 372 6.87 -10.12 -13.08
CA ASP B 372 5.93 -9.47 -12.17
C ASP B 372 4.97 -8.66 -13.03
N VAL B 373 3.67 -8.95 -12.92
CA VAL B 373 2.70 -8.25 -13.76
C VAL B 373 1.68 -7.46 -12.93
N THR B 374 2.02 -7.16 -11.67
CA THR B 374 1.09 -6.52 -10.74
C THR B 374 0.45 -5.27 -11.34
N HIS B 375 -0.89 -5.18 -11.20
CA HIS B 375 -1.63 -4.09 -11.82
C HIS B 375 -2.93 -3.86 -11.07
N SER B 376 -3.59 -2.75 -11.40
CA SER B 376 -4.87 -2.41 -10.80
C SER B 376 -5.99 -2.38 -11.84
N THR B 377 -5.83 -3.14 -12.92
CA THR B 377 -6.83 -3.12 -13.99
C THR B 377 -8.17 -3.59 -13.48
N PHE B 378 -8.15 -4.48 -12.48
CA PHE B 378 -9.35 -4.94 -11.79
C PHE B 378 -9.54 -4.25 -10.44
N ALA B 379 -8.81 -3.14 -10.22
CA ALA B 379 -8.75 -2.48 -8.93
C ALA B 379 -8.17 -3.42 -7.88
N GLN B 380 -8.45 -3.12 -6.61
CA GLN B 380 -7.91 -3.84 -5.46
C GLN B 380 -8.92 -3.73 -4.34
N GLY B 381 -8.70 -4.50 -3.28
CA GLY B 381 -9.51 -4.35 -2.11
C GLY B 381 -10.81 -5.12 -2.21
N PRO B 382 -11.78 -4.74 -1.37
CA PRO B 382 -13.02 -5.53 -1.31
C PRO B 382 -13.81 -5.51 -2.60
N HIS B 383 -13.69 -4.44 -3.40
CA HIS B 383 -14.42 -4.33 -4.66
C HIS B 383 -13.66 -4.88 -5.86
N ARG B 384 -12.49 -5.50 -5.65
CA ARG B 384 -11.73 -5.98 -6.80
C ARG B 384 -12.63 -6.81 -7.69
N CYS B 385 -12.53 -6.59 -8.99
CA CYS B 385 -13.51 -7.00 -9.98
C CYS B 385 -14.05 -8.42 -9.74
N ALA B 386 -15.37 -8.53 -9.54
CA ALA B 386 -15.97 -9.84 -9.38
C ALA B 386 -16.02 -10.63 -10.68
N GLY B 387 -15.93 -9.95 -11.83
CA GLY B 387 -15.92 -10.64 -13.10
C GLY B 387 -14.55 -11.07 -13.62
N MET B 388 -13.48 -10.95 -12.82
CA MET B 388 -12.15 -11.12 -13.40
C MET B 388 -11.91 -12.52 -13.94
N HIS B 389 -12.50 -13.54 -13.33
CA HIS B 389 -12.30 -14.89 -13.87
C HIS B 389 -12.94 -15.05 -15.24
N LEU B 390 -14.14 -14.49 -15.40
CA LEU B 390 -14.81 -14.51 -16.70
C LEU B 390 -14.02 -13.71 -17.73
N ALA B 391 -13.52 -12.53 -17.35
CA ALA B 391 -12.75 -11.74 -18.32
C ALA B 391 -11.49 -12.47 -18.75
N ARG B 392 -10.78 -13.09 -17.82
CA ARG B 392 -9.59 -13.85 -18.17
C ARG B 392 -9.92 -14.99 -19.13
N LEU B 393 -11.02 -15.70 -18.87
CA LEU B 393 -11.41 -16.80 -19.75
C LEU B 393 -11.76 -16.29 -21.14
N GLU B 394 -12.56 -15.22 -21.21
CA GLU B 394 -12.97 -14.69 -22.51
C GLU B 394 -11.76 -14.29 -23.35
N VAL B 395 -10.78 -13.63 -22.73
CA VAL B 395 -9.62 -13.17 -23.49
C VAL B 395 -8.76 -14.36 -23.91
N THR B 396 -8.53 -15.31 -22.99
CA THR B 396 -7.76 -16.50 -23.34
C THR B 396 -8.40 -17.25 -24.52
N VAL B 397 -9.71 -17.48 -24.44
CA VAL B 397 -10.41 -18.21 -25.51
C VAL B 397 -10.36 -17.43 -26.82
N MET B 398 -10.62 -16.13 -26.75
CA MET B 398 -10.54 -15.29 -27.92
C MET B 398 -9.20 -15.44 -28.62
N LEU B 399 -8.11 -15.31 -27.86
CA LEU B 399 -6.79 -15.38 -28.47
C LEU B 399 -6.52 -16.75 -29.06
N GLN B 400 -6.88 -17.80 -28.34
CA GLN B 400 -6.66 -19.16 -28.82
C GLN B 400 -7.42 -19.42 -30.11
N GLU B 401 -8.71 -19.06 -30.15
CA GLU B 401 -9.51 -19.35 -31.34
C GLU B 401 -9.21 -18.39 -32.48
N TRP B 402 -8.83 -17.15 -32.19
CA TRP B 402 -8.40 -16.22 -33.23
C TRP B 402 -7.13 -16.71 -33.91
N LEU B 403 -6.09 -16.97 -33.12
CA LEU B 403 -4.78 -17.33 -33.66
C LEU B 403 -4.83 -18.66 -34.40
N ALA B 404 -5.72 -19.57 -33.99
CA ALA B 404 -5.83 -20.85 -34.68
C ALA B 404 -6.29 -20.67 -36.12
N ARG B 405 -6.99 -19.57 -36.42
CA ARG B 405 -7.60 -19.35 -37.73
C ARG B 405 -7.06 -18.14 -38.47
N ILE B 406 -6.58 -17.14 -37.75
CA ILE B 406 -6.03 -15.91 -38.32
C ILE B 406 -4.68 -15.72 -37.64
N PRO B 407 -3.66 -16.53 -37.98
CA PRO B 407 -2.43 -16.53 -37.18
C PRO B 407 -1.58 -15.29 -37.36
N GLU B 408 -1.75 -14.56 -38.45
CA GLU B 408 -1.07 -13.30 -38.69
C GLU B 408 -2.10 -12.27 -39.12
N PHE B 409 -1.85 -11.01 -38.78
CA PHE B 409 -2.76 -9.93 -39.14
C PHE B 409 -2.08 -8.60 -38.88
N ARG B 410 -2.62 -7.56 -39.50
CA ARG B 410 -2.04 -6.22 -39.45
C ARG B 410 -3.16 -5.21 -39.38
N LEU B 411 -2.86 -4.05 -38.82
CA LEU B 411 -3.77 -2.92 -38.95
C LEU B 411 -3.66 -2.39 -40.38
N LYS B 412 -4.81 -2.01 -40.94
CA LYS B 412 -4.85 -1.51 -42.30
C LYS B 412 -4.05 -0.21 -42.41
N ASP B 413 -3.43 -0.02 -43.57
CA ASP B 413 -2.57 1.15 -43.80
C ASP B 413 -3.32 2.46 -43.56
N ARG B 414 -2.70 3.33 -42.76
CA ARG B 414 -3.16 4.68 -42.48
C ARG B 414 -4.50 4.72 -41.77
N ALA B 415 -4.99 3.59 -41.30
CA ALA B 415 -6.16 3.59 -40.45
C ALA B 415 -5.86 4.28 -39.12
N VAL B 416 -6.84 5.00 -38.61
CA VAL B 416 -6.71 5.69 -37.33
C VAL B 416 -7.90 5.31 -36.46
N PRO B 417 -7.68 4.63 -35.34
CA PRO B 417 -8.76 4.38 -34.41
C PRO B 417 -9.23 5.68 -33.77
N ILE B 418 -10.47 5.69 -33.33
CA ILE B 418 -11.04 6.81 -32.61
C ILE B 418 -11.13 6.41 -31.13
N TYR B 419 -10.48 7.20 -30.28
CA TYR B 419 -10.38 6.91 -28.84
C TYR B 419 -11.35 7.77 -28.04
N HIS B 420 -11.89 7.19 -26.98
CA HIS B 420 -12.77 7.86 -26.06
C HIS B 420 -12.27 7.63 -24.64
N SER B 421 -12.24 8.68 -23.84
CA SER B 421 -11.88 8.55 -22.44
C SER B 421 -13.08 8.86 -21.56
N GLY B 422 -13.00 8.40 -20.33
CA GLY B 422 -14.13 8.52 -19.42
C GLY B 422 -13.89 7.61 -18.23
N ILE B 423 -14.99 7.23 -17.58
CA ILE B 423 -14.89 6.27 -16.49
C ILE B 423 -14.47 4.91 -17.04
N VAL B 424 -14.94 4.56 -18.24
CA VAL B 424 -14.41 3.43 -18.97
C VAL B 424 -14.00 3.91 -20.36
N ALA B 425 -12.78 3.57 -20.76
CA ALA B 425 -12.27 3.96 -22.06
C ALA B 425 -12.91 3.13 -23.17
N ALA B 426 -13.00 3.71 -24.35
CA ALA B 426 -13.52 2.99 -25.50
C ALA B 426 -12.69 3.34 -26.73
N VAL B 427 -12.76 2.47 -27.74
CA VAL B 427 -12.04 2.68 -28.99
C VAL B 427 -12.87 2.06 -30.11
N GLU B 428 -12.90 2.71 -31.27
CA GLU B 428 -13.64 2.21 -32.41
C GLU B 428 -12.81 2.35 -33.68
N ASN B 429 -13.24 1.67 -34.74
CA ASN B 429 -12.59 1.67 -36.05
C ASN B 429 -11.23 0.99 -36.04
N ILE B 430 -11.22 -0.34 -36.10
CA ILE B 430 -10.01 -1.13 -36.05
C ILE B 430 -9.98 -2.05 -37.27
N PRO B 431 -9.64 -1.52 -38.45
CA PRO B 431 -9.62 -2.35 -39.68
C PRO B 431 -8.39 -3.24 -39.69
N LEU B 432 -8.62 -4.55 -39.71
CA LEU B 432 -7.54 -5.53 -39.71
C LEU B 432 -7.46 -6.19 -41.08
N GLU B 433 -6.24 -6.60 -41.45
CA GLU B 433 -5.98 -7.25 -42.73
C GLU B 433 -5.11 -8.47 -42.52
N TRP B 434 -5.35 -9.49 -43.33
CA TRP B 434 -4.49 -10.65 -43.33
C TRP B 434 -4.68 -11.37 -44.66
N GLU B 435 -3.82 -12.35 -44.92
CA GLU B 435 -3.99 -13.17 -46.09
C GLU B 435 -4.53 -14.52 -45.67
N PRO B 436 -5.72 -14.89 -46.13
CA PRO B 436 -6.41 -16.07 -45.60
C PRO B 436 -5.57 -17.34 -45.76
N GLN B 437 -5.61 -18.19 -44.75
CA GLN B 437 -4.77 -19.38 -44.72
C GLN B 437 -5.56 -20.65 -45.06
CHA HEM C . 6.07 2.08 19.96
CHB HEM C . 9.80 3.08 17.02
CHC HEM C . 11.45 6.28 20.25
CHD HEM C . 8.14 4.74 23.45
C1A HEM C . 6.93 2.08 18.89
C2A HEM C . 6.77 1.30 17.70
C3A HEM C . 7.79 1.57 16.90
C4A HEM C . 8.65 2.54 17.55
CMA HEM C . 8.04 0.97 15.51
CAA HEM C . 5.63 0.30 17.40
CBA HEM C . 5.97 -1.10 17.92
CGA HEM C . 4.85 -2.08 17.62
O1A HEM C . 3.78 -1.99 18.25
O2A HEM C . 5.01 -2.98 16.74
C1B HEM C . 10.56 4.06 17.62
C2B HEM C . 11.70 4.76 17.03
C3B HEM C . 12.13 5.65 17.93
C4B HEM C . 11.30 5.55 19.10
CMB HEM C . 12.26 4.49 15.61
CAB HEM C . 13.31 6.66 17.83
CBB HEM C . 14.19 6.74 16.83
C1C HEM C . 10.71 6.10 21.40
C2C HEM C . 10.96 6.79 22.64
C3C HEM C . 10.08 6.35 23.54
C4C HEM C . 9.21 5.40 22.89
CMC HEM C . 12.07 7.81 22.87
CAC HEM C . 10.02 6.85 25.00
CBC HEM C . 9.56 6.07 25.97
C1D HEM C . 7.29 3.92 22.76
C2D HEM C . 6.11 3.29 23.31
C3D HEM C . 5.51 2.57 22.35
C4D HEM C . 6.32 2.69 21.16
CMD HEM C . 5.64 3.47 24.76
CAD HEM C . 4.25 1.71 22.48
CBD HEM C . 3.03 2.41 21.88
CGD HEM C . 1.78 1.52 21.93
O1D HEM C . 1.90 0.29 22.04
O2D HEM C . 0.65 2.07 21.86
NA HEM C . 8.09 2.85 18.78
NB HEM C . 10.36 4.56 18.89
NC HEM C . 9.63 5.25 21.58
ND HEM C . 7.39 3.55 21.43
FE HEM C . 8.81 4.15 20.12
C1 CAH D . 10.67 -1.43 21.18
C2 CAH D . 9.46 -2.18 21.59
O2 CAH D . 9.41 -3.19 22.28
C3 CAH D . 8.27 -1.42 20.94
C4 CAH D . 9.18 -0.31 20.34
C5 CAH D . 9.55 0.59 21.44
O5 CAH D . 9.88 1.85 21.06
C6 CAH D . 10.76 -0.15 22.06
C7 CAH D . 10.32 -0.97 19.99
C8 CAH D . 10.07 -2.09 19.04
C9 CAH D . 11.39 -0.10 19.44
C10 CAH D . 11.96 -2.29 21.15
S SO4 E . -5.51 -9.43 -2.18
O1 SO4 E . -5.15 -10.86 -2.13
O2 SO4 E . -5.20 -8.74 -0.91
O3 SO4 E . -4.74 -8.81 -3.27
O4 SO4 E . -6.95 -9.33 -2.44
S SO4 F . 18.43 4.38 -4.58
O1 SO4 F . 17.80 3.22 -3.90
O2 SO4 F . 19.88 4.10 -4.67
O3 SO4 F . 17.84 4.48 -5.93
O4 SO4 F . 18.21 5.65 -3.85
S SO4 G . 15.26 -12.39 -7.30
O1 SO4 G . 16.23 -12.96 -8.22
O2 SO4 G . 15.85 -12.48 -5.94
O3 SO4 G . 14.02 -13.16 -7.49
O4 SO4 G . 14.97 -10.97 -7.69
S SO4 H . 20.65 -27.86 5.19
O1 SO4 H . 19.64 -28.80 5.79
O2 SO4 H . 21.85 -27.94 6.05
O3 SO4 H . 21.00 -28.09 3.77
O4 SO4 H . 20.12 -26.52 4.92
CHA HEM I . -15.79 -4.36 -10.22
CHB HEM I . -12.85 -3.68 -14.02
CHC HEM I . -14.92 -7.39 -16.36
CHD HEM I . -18.36 -7.50 -12.94
C1A HEM I . -14.79 -3.87 -11.03
C2A HEM I . -13.84 -2.83 -10.69
C3A HEM I . -13.04 -2.64 -11.73
C4A HEM I . -13.44 -3.56 -12.78
CMA HEM I . -11.86 -1.64 -11.85
CAA HEM I . -13.83 -2.09 -9.33
CBA HEM I . -14.81 -0.91 -9.39
CGA HEM I . -14.75 -0.08 -8.12
O1A HEM I . -15.19 -0.56 -7.05
O2A HEM I . -14.28 1.08 -8.15
C1B HEM I . -13.12 -4.65 -14.96
C2B HEM I . -12.34 -4.89 -16.16
C3B HEM I . -12.91 -5.92 -16.80
C4B HEM I . -14.06 -6.35 -16.03
CMB HEM I . -11.09 -4.10 -16.57
CAB HEM I . -12.52 -6.59 -18.13
CBB HEM I . -11.59 -6.13 -18.97
C1C HEM I . -16.06 -7.69 -15.68
C2C HEM I . -17.08 -8.60 -16.13
C3C HEM I . -18.06 -8.63 -15.22
C4C HEM I . -17.68 -7.76 -14.12
CMC HEM I . -17.02 -9.37 -17.48
CAC HEM I . -19.32 -9.52 -15.37
CBC HEM I . -20.41 -9.23 -14.67
C1D HEM I . -17.93 -6.69 -11.90
C2D HEM I . -18.61 -6.51 -10.63
C3D HEM I . -17.91 -5.66 -9.88
C4D HEM I . -16.76 -5.24 -10.65
CMD HEM I . -19.94 -7.20 -10.24
CAD HEM I . -18.26 -5.14 -8.47
CBD HEM I . -17.45 -5.86 -7.39
CGD HEM I . -17.77 -5.32 -6.01
O1D HEM I . -18.24 -4.16 -5.87
O2D HEM I . -17.52 -6.07 -5.03
NA HEM I . -14.52 -4.29 -12.31
NB HEM I . -14.16 -5.55 -14.91
NC HEM I . -16.47 -7.20 -14.47
ND HEM I . -16.78 -5.91 -11.86
FE HEM I . -15.38 -5.86 -13.30
C1 CAH J . -18.22 -0.53 -14.06
C2 CAH J . -18.81 -0.16 -12.76
O2 CAH J . -19.79 0.54 -12.55
C3 CAH J . -17.92 -0.87 -11.70
C4 CAH J . -17.09 -1.63 -12.76
C5 CAH J . -17.95 -2.68 -13.28
O5 CAH J . -17.28 -3.73 -13.74
C6 CAH J . -18.74 -1.94 -14.40
C7 CAH J . -16.95 -0.72 -13.76
C8 CAH J . -16.31 0.56 -13.28
C9 CAH J . -16.16 -1.22 -14.92
C10 CAH J . -18.47 0.51 -15.19
C1 CAM K . -18.28 -0.59 -14.08
C2 CAM K . -18.85 -0.10 -12.82
O CAM K . -19.90 0.80 -12.70
C3 CAM K . -18.13 -0.74 -11.68
C4 CAM K . -17.17 -1.56 -12.44
C5 CAM K . -17.99 -2.67 -13.03
C6 CAM K . -18.76 -2.02 -14.14
C7 CAM K . -16.85 -0.72 -13.64
C8 CAM K . -16.02 -1.48 -14.62
C9 CAM K . -16.19 0.57 -13.33
C10 CAM K . -18.61 0.24 -15.27
#